data_7Q86
#
_entry.id   7Q86
#
_cell.length_a   74.961
_cell.length_b   124.063
_cell.length_c   142.910
_cell.angle_alpha   90.000
_cell.angle_beta   90.000
_cell.angle_gamma   90.000
#
_symmetry.space_group_name_H-M   'P 21 21 21'
#
loop_
_entity.id
_entity.type
_entity.pdbx_description
1 polymer 'Isoform 2 of Peroxisomal acyl-coenzyme A oxidase 1'
2 non-polymer 'FLAVIN-ADENINE DINUCLEOTIDE'
3 water water
#
_entity_poly.entity_id   1
_entity_poly.type   'polypeptide(L)'
_entity_poly.pdbx_seq_one_letter_code
;MHHHHHHMNPDLRRERDSASFNPELLTHILDGSPEKTRRRREIENMILNDPDFQHEDLNFLTRSQRYEVAVRKSAIMVKK
MREFGIADPDEIMWFKNFVHRGRPEPLDLHLGMFLPTLLHQATAEQQERFFMPAWNLEIIGTYAQTEMGHGTHLRGLETT
ATYDPETQEFILNSPTVTSIKWWPGGLGKTSNHAIVLAQLITKGK(CSO)YGLHAFIVPIREIGTHKPLPGITVGDIGPK
FGYDEIDNGYLKMDNHRIPRENMLMKYAQVKPDGTYVKPLSNKLTYGTMVFVRSFLVGEAARALSKACTIAIRYSAVRHQ
SEIKPGEPEPQILDFQTQQYKLFPLLATAYAFQFVGAYMKETYHRINEGIGQGDLSELPELHALTAGLKAFTSWTANTGI
EACRMACGGHGYSHCSGLPNIYVNFTPSCTFEGENTVMMLQTARFLMKSYDQVHSGKLV(CSO)GMVSYLNDLPSQRIQP
QQVAVWPTMVDINSPESLTEAYKLRAARLVEIAAKNLQKEVIHRKSKEVAWNLTSVDLVRASEAHCHYVVVKLFSEKLLK
IQDKAIQAVLRSLCLLYSLYGISQNAGDFLQGSIMTEPQITQVNQRVKELLTLIRSDAVALVDAFDFQDVTLGSVLGRYD
GNVYENLFEWAKNSPLNKAEVHESYKHLKSLQSKL
;
_entity_poly.pdbx_strand_id   A,B
#
# COMPACT_ATOMS: atom_id res chain seq x y z
N MET A 8 20.97 20.02 16.66
CA MET A 8 20.40 18.66 16.71
C MET A 8 19.27 18.61 17.74
N ASN A 9 18.14 18.04 17.36
CA ASN A 9 17.05 17.72 18.29
C ASN A 9 17.64 17.02 19.51
N PRO A 10 17.34 17.48 20.73
CA PRO A 10 17.93 16.90 21.92
C PRO A 10 17.41 15.50 22.23
N ASP A 11 16.28 15.09 21.68
CA ASP A 11 15.88 13.65 21.84
C ASP A 11 16.80 12.81 20.94
N LEU A 12 17.16 13.28 19.73
CA LEU A 12 18.00 12.46 18.83
C LEU A 12 19.45 12.45 19.39
N ARG A 13 19.92 13.57 19.95
CA ARG A 13 21.25 13.63 20.64
C ARG A 13 21.30 12.60 21.77
N ARG A 14 20.31 12.55 22.66
CA ARG A 14 20.30 11.64 23.85
C ARG A 14 20.34 10.16 23.38
N GLU A 15 19.50 9.80 22.41
CA GLU A 15 19.42 8.41 21.86
C GLU A 15 20.76 8.02 21.24
N ARG A 16 21.32 8.94 20.46
CA ARG A 16 22.59 8.71 19.71
C ARG A 16 23.73 8.48 20.70
N ASP A 17 23.73 9.23 21.81
CA ASP A 17 24.80 9.26 22.84
C ASP A 17 24.77 7.99 23.67
N SER A 18 23.64 7.29 23.75
CA SER A 18 23.48 6.12 24.63
C SER A 18 23.43 4.82 23.81
N ALA A 19 23.67 4.91 22.50
CA ALA A 19 23.73 3.73 21.60
C ALA A 19 24.81 2.78 22.13
N SER A 20 24.64 1.45 22.00
CA SER A 20 25.53 0.42 22.60
C SER A 20 26.74 0.13 21.70
N PHE A 21 26.84 0.81 20.57
CA PHE A 21 27.78 0.43 19.50
C PHE A 21 28.09 1.66 18.66
N ASN A 22 29.03 1.49 17.73
CA ASN A 22 29.48 2.61 16.89
C ASN A 22 28.85 2.44 15.51
N PRO A 23 27.85 3.26 15.12
CA PRO A 23 27.19 3.08 13.83
C PRO A 23 28.15 3.17 12.62
N GLU A 24 29.24 3.93 12.75
CA GLU A 24 30.29 4.06 11.68
C GLU A 24 30.79 2.66 11.29
N LEU A 25 31.06 1.81 12.27
CA LEU A 25 31.61 0.46 11.95
C LEU A 25 30.51 -0.38 11.27
N LEU A 26 29.24 -0.16 11.60
CA LEU A 26 28.11 -0.89 10.95
C LEU A 26 27.93 -0.42 9.49
N THR A 27 28.07 0.86 9.22
CA THR A 27 28.13 1.35 7.82
C THR A 27 29.22 0.61 7.02
N HIS A 28 30.39 0.39 7.63
CA HIS A 28 31.51 -0.34 6.96
C HIS A 28 31.05 -1.76 6.62
N ILE A 29 30.40 -2.43 7.54
CA ILE A 29 29.89 -3.80 7.30
C ILE A 29 28.89 -3.77 6.12
N LEU A 30 28.00 -2.77 6.07
CA LEU A 30 26.95 -2.69 5.02
C LEU A 30 27.61 -2.40 3.68
N ASP A 31 28.51 -1.44 3.60
CA ASP A 31 29.14 -1.08 2.33
C ASP A 31 30.16 -2.14 1.89
N GLY A 32 30.67 -2.96 2.83
CA GLY A 32 31.69 -4.02 2.56
C GLY A 32 33.12 -3.73 3.05
N SER A 33 33.51 -2.45 3.21
CA SER A 33 34.84 -2.08 3.76
C SER A 33 34.84 -0.61 4.16
N PRO A 34 35.78 -0.19 5.05
CA PRO A 34 35.93 1.22 5.37
C PRO A 34 36.18 2.05 4.10
N GLU A 35 36.92 1.53 3.12
CA GLU A 35 37.24 2.34 1.88
C GLU A 35 36.00 2.49 0.98
N LYS A 36 35.17 1.47 0.89
CA LYS A 36 33.90 1.58 0.12
C LYS A 36 32.99 2.64 0.74
N THR A 37 32.82 2.64 2.05
CA THR A 37 32.08 3.71 2.76
C THR A 37 32.70 5.07 2.36
N ARG A 38 34.03 5.21 2.43
CA ARG A 38 34.66 6.56 2.27
C ARG A 38 34.44 6.98 0.81
N ARG A 39 34.67 6.07 -0.10
CA ARG A 39 34.53 6.36 -1.54
C ARG A 39 33.06 6.66 -1.87
N ARG A 40 32.12 5.86 -1.38
CA ARG A 40 30.67 6.19 -1.58
C ARG A 40 30.41 7.64 -1.13
N ARG A 41 30.74 7.98 0.10
CA ARG A 41 30.48 9.33 0.66
C ARG A 41 31.14 10.42 -0.20
N GLU A 42 32.29 10.14 -0.82
CA GLU A 42 33.02 11.15 -1.63
C GLU A 42 32.22 11.40 -2.91
N ILE A 43 31.78 10.32 -3.55
CA ILE A 43 30.95 10.45 -4.77
C ILE A 43 29.68 11.22 -4.43
N GLU A 44 29.01 10.86 -3.33
CA GLU A 44 27.74 11.54 -2.95
C GLU A 44 28.06 13.03 -2.71
N ASN A 45 29.14 13.32 -1.97
CA ASN A 45 29.41 14.70 -1.54
C ASN A 45 29.88 15.53 -2.73
N MET A 46 30.44 14.97 -3.82
CA MET A 46 30.74 15.80 -5.03
C MET A 46 29.44 16.02 -5.82
N ILE A 47 28.48 15.10 -5.73
CA ILE A 47 27.14 15.28 -6.37
C ILE A 47 26.39 16.32 -5.54
N LEU A 48 26.53 16.27 -4.20
CA LEU A 48 25.79 17.19 -3.29
C LEU A 48 26.15 18.65 -3.59
N ASN A 49 27.41 18.97 -3.92
CA ASN A 49 27.84 20.39 -4.10
C ASN A 49 27.92 20.76 -5.58
N ASP A 50 27.47 19.88 -6.47
CA ASP A 50 27.44 20.15 -7.92
C ASP A 50 26.15 20.92 -8.21
N PRO A 51 26.23 22.19 -8.70
CA PRO A 51 25.04 22.97 -8.99
C PRO A 51 24.24 22.33 -10.13
N ASP A 52 24.92 21.53 -10.96
CA ASP A 52 24.32 20.87 -12.14
C ASP A 52 23.28 19.80 -11.75
N PHE A 53 23.30 19.29 -10.53
CA PHE A 53 22.41 18.17 -10.08
C PHE A 53 21.33 18.70 -9.12
N GLN A 54 21.12 20.03 -9.11
CA GLN A 54 20.23 20.74 -8.16
C GLN A 54 18.97 21.20 -8.91
N HIS A 55 17.80 21.10 -8.28
CA HIS A 55 16.49 21.46 -8.89
C HIS A 55 15.46 21.74 -7.82
N GLU A 56 14.34 22.32 -8.25
CA GLU A 56 13.09 22.56 -7.47
C GLU A 56 12.67 21.24 -6.77
N ASP A 57 12.04 21.32 -5.59
CA ASP A 57 11.42 20.16 -4.88
C ASP A 57 10.59 19.39 -5.92
N LEU A 58 10.95 18.15 -6.25
CA LEU A 58 10.21 17.33 -7.26
C LEU A 58 8.71 17.25 -6.92
N ASN A 59 8.36 17.21 -5.62
CA ASN A 59 6.95 17.12 -5.15
C ASN A 59 6.13 18.32 -5.67
N PHE A 60 6.75 19.48 -5.99
CA PHE A 60 6.03 20.72 -6.40
C PHE A 60 5.93 20.82 -7.92
N LEU A 61 6.37 19.81 -8.67
CA LEU A 61 6.43 19.92 -10.15
C LEU A 61 5.36 19.02 -10.78
N THR A 62 4.99 19.32 -12.01
CA THR A 62 4.11 18.43 -12.84
C THR A 62 4.88 17.19 -13.30
N ARG A 63 4.18 16.28 -13.95
CA ARG A 63 4.81 15.03 -14.45
C ARG A 63 5.76 15.38 -15.59
N SER A 64 5.36 16.27 -16.50
CA SER A 64 6.23 16.68 -17.64
C SER A 64 7.54 17.32 -17.13
N GLN A 65 7.44 18.27 -16.19
CA GLN A 65 8.62 18.86 -15.48
C GLN A 65 9.45 17.76 -14.77
N ARG A 66 8.83 16.80 -14.09
CA ARG A 66 9.58 15.72 -13.40
C ARG A 66 10.41 14.94 -14.43
N TYR A 67 9.79 14.58 -15.57
CA TYR A 67 10.43 13.85 -16.69
C TYR A 67 11.57 14.74 -17.23
N GLU A 68 11.28 16.01 -17.50
CA GLU A 68 12.33 16.93 -18.00
C GLU A 68 13.52 16.98 -17.03
N VAL A 69 13.27 17.12 -15.73
CA VAL A 69 14.36 17.23 -14.72
C VAL A 69 15.16 15.92 -14.72
N ALA A 70 14.52 14.78 -14.94
CA ALA A 70 15.16 13.46 -14.77
C ALA A 70 16.06 13.12 -15.96
N VAL A 71 15.58 13.28 -17.20
CA VAL A 71 16.31 12.86 -18.44
C VAL A 71 17.57 13.75 -18.49
N ARG A 72 17.42 14.94 -17.96
CA ARG A 72 18.49 15.95 -17.98
C ARG A 72 19.61 15.61 -17.00
N LYS A 73 19.24 15.32 -15.76
CA LYS A 73 20.21 14.88 -14.73
C LYS A 73 20.85 13.60 -15.25
N SER A 74 20.11 12.79 -16.01
CA SER A 74 20.61 11.48 -16.48
C SER A 74 21.68 11.72 -17.55
N ALA A 75 21.54 12.76 -18.39
CA ALA A 75 22.49 13.08 -19.49
C ALA A 75 23.75 13.67 -18.89
N ILE A 76 23.58 14.68 -18.04
CA ILE A 76 24.68 15.32 -17.25
C ILE A 76 25.43 14.24 -16.48
N MET A 77 24.75 13.19 -16.06
CA MET A 77 25.30 12.11 -15.21
C MET A 77 26.19 11.19 -16.05
N VAL A 78 25.80 10.87 -17.27
CA VAL A 78 26.64 10.09 -18.21
C VAL A 78 27.95 10.87 -18.44
N LYS A 79 27.85 12.18 -18.70
CA LYS A 79 29.02 13.01 -19.08
C LYS A 79 29.99 13.09 -17.91
N LYS A 80 29.45 13.24 -16.69
CA LYS A 80 30.25 13.53 -15.46
C LYS A 80 30.95 12.25 -15.00
N MET A 81 30.30 11.12 -15.18
CA MET A 81 30.90 9.81 -14.80
C MET A 81 32.07 9.49 -15.74
N ARG A 82 32.02 9.94 -16.99
CA ARG A 82 33.16 9.76 -17.93
C ARG A 82 34.28 10.72 -17.50
N GLU A 83 33.95 12.00 -17.34
CA GLU A 83 34.92 13.05 -16.92
C GLU A 83 35.68 12.57 -15.66
N PHE A 84 34.99 12.12 -14.62
CA PHE A 84 35.66 11.74 -13.35
C PHE A 84 36.22 10.31 -13.48
N GLY A 85 36.02 9.66 -14.63
CA GLY A 85 36.45 8.26 -14.84
C GLY A 85 35.74 7.32 -13.89
N ILE A 86 34.48 7.61 -13.57
CA ILE A 86 33.66 6.73 -12.68
C ILE A 86 33.33 5.49 -13.51
N ALA A 87 34.18 4.51 -13.40
CA ALA A 87 33.92 3.11 -13.77
C ALA A 87 33.98 2.35 -12.45
N ASP A 88 33.65 1.07 -12.48
CA ASP A 88 33.47 0.25 -11.25
C ASP A 88 31.98 0.25 -11.01
N PRO A 89 31.34 -0.93 -11.16
CA PRO A 89 29.90 -1.05 -11.05
C PRO A 89 29.37 -0.43 -9.75
N ASP A 90 30.04 -0.68 -8.62
CA ASP A 90 29.59 -0.15 -7.29
C ASP A 90 29.61 1.37 -7.34
N GLU A 91 30.63 1.97 -7.96
CA GLU A 91 30.77 3.44 -7.95
C GLU A 91 29.66 4.03 -8.82
N ILE A 92 29.40 3.41 -9.97
CA ILE A 92 28.36 3.91 -10.92
C ILE A 92 26.99 3.85 -10.20
N MET A 93 26.68 2.72 -9.57
CA MET A 93 25.45 2.56 -8.74
C MET A 93 25.37 3.68 -7.70
N TRP A 94 26.45 3.95 -6.93
CA TRP A 94 26.43 4.96 -5.86
C TRP A 94 26.14 6.35 -6.45
N PHE A 95 26.67 6.59 -7.66
CA PHE A 95 26.59 7.89 -8.37
C PHE A 95 25.15 8.10 -8.84
N LYS A 96 24.65 7.09 -9.54
CA LYS A 96 23.29 7.08 -10.13
C LYS A 96 22.24 7.17 -9.01
N ASN A 97 22.37 6.34 -7.95
CA ASN A 97 21.44 6.31 -6.78
C ASN A 97 21.36 7.73 -6.22
N PHE A 98 22.49 8.42 -6.12
CA PHE A 98 22.50 9.70 -5.40
C PHE A 98 21.99 10.82 -6.31
N VAL A 99 22.29 10.76 -7.60
CA VAL A 99 21.86 11.84 -8.54
C VAL A 99 20.33 11.87 -8.56
N HIS A 100 19.71 10.69 -8.60
CA HIS A 100 18.27 10.46 -8.85
C HIS A 100 17.47 10.43 -7.53
N ARG A 101 18.14 10.43 -6.36
CA ARG A 101 17.47 10.59 -5.04
C ARG A 101 16.34 9.55 -4.89
N GLY A 102 16.57 8.30 -5.26
CA GLY A 102 15.56 7.24 -5.08
C GLY A 102 14.58 7.12 -6.23
N ARG A 103 14.50 8.10 -7.15
CA ARG A 103 13.55 8.04 -8.29
C ARG A 103 14.16 7.11 -9.35
N PRO A 104 13.36 6.42 -10.18
CA PRO A 104 13.96 5.66 -11.29
C PRO A 104 14.58 6.60 -12.35
N GLU A 105 15.48 6.06 -13.18
CA GLU A 105 16.36 6.89 -14.02
C GLU A 105 15.98 6.60 -15.48
N PRO A 106 15.58 7.61 -16.29
CA PRO A 106 15.02 7.34 -17.62
C PRO A 106 15.97 6.76 -18.67
N LEU A 107 17.29 6.68 -18.40
CA LEU A 107 18.26 5.99 -19.29
C LEU A 107 18.54 4.55 -18.83
N ASP A 108 17.71 4.00 -17.93
CA ASP A 108 18.05 2.71 -17.25
C ASP A 108 18.22 1.61 -18.29
N LEU A 109 17.29 1.53 -19.26
CA LEU A 109 17.22 0.44 -20.27
C LEU A 109 18.36 0.63 -21.30
N HIS A 110 18.67 1.88 -21.64
CA HIS A 110 19.85 2.26 -22.46
C HIS A 110 21.13 1.70 -21.84
N LEU A 111 21.43 2.11 -20.62
CA LEU A 111 22.72 1.83 -19.96
C LEU A 111 22.75 0.38 -19.48
N GLY A 112 21.62 -0.20 -19.14
CA GLY A 112 21.59 -1.50 -18.41
C GLY A 112 21.17 -2.66 -19.30
N MET A 113 20.51 -2.38 -20.44
CA MET A 113 20.02 -3.44 -21.35
C MET A 113 20.43 -3.19 -22.82
N PHE A 114 20.51 -1.95 -23.29
CA PHE A 114 20.81 -1.71 -24.73
C PHE A 114 22.32 -1.90 -24.99
N LEU A 115 23.16 -1.03 -24.41
CA LEU A 115 24.63 -1.08 -24.55
C LEU A 115 25.17 -2.41 -24.06
N PRO A 116 24.86 -2.90 -22.84
CA PRO A 116 25.32 -4.22 -22.41
C PRO A 116 25.02 -5.37 -23.39
N THR A 117 23.83 -5.39 -24.01
CA THR A 117 23.39 -6.39 -25.02
C THR A 117 24.24 -6.24 -26.30
N LEU A 118 24.52 -5.01 -26.75
CA LEU A 118 25.36 -4.77 -27.96
C LEU A 118 26.79 -5.29 -27.70
N LEU A 119 27.36 -5.02 -26.52
CA LEU A 119 28.74 -5.44 -26.14
C LEU A 119 28.83 -6.96 -26.03
N HIS A 120 27.78 -7.64 -25.54
CA HIS A 120 27.76 -9.12 -25.31
C HIS A 120 27.35 -9.89 -26.57
N GLN A 121 26.42 -9.37 -27.39
CA GLN A 121 25.70 -10.15 -28.44
C GLN A 121 26.03 -9.65 -29.87
N ALA A 122 26.26 -8.35 -30.09
CA ALA A 122 26.34 -7.75 -31.44
C ALA A 122 27.66 -8.14 -32.10
N THR A 123 27.58 -8.49 -33.39
CA THR A 123 28.75 -8.76 -34.27
C THR A 123 29.47 -7.42 -34.48
N ALA A 124 30.74 -7.43 -34.87
CA ALA A 124 31.53 -6.19 -35.07
C ALA A 124 30.78 -5.19 -35.98
N GLU A 125 30.25 -5.66 -37.11
CA GLU A 125 29.40 -4.83 -38.01
C GLU A 125 28.30 -4.11 -37.22
N GLN A 126 27.49 -4.86 -36.46
CA GLN A 126 26.34 -4.29 -35.70
C GLN A 126 26.86 -3.28 -34.67
N GLN A 127 27.89 -3.67 -33.90
CA GLN A 127 28.56 -2.80 -32.89
C GLN A 127 29.13 -1.54 -33.54
N GLU A 128 29.62 -1.66 -34.77
CA GLU A 128 30.29 -0.54 -35.47
C GLU A 128 29.28 0.56 -35.79
N ARG A 129 28.08 0.20 -36.21
CA ARG A 129 27.11 1.24 -36.65
C ARG A 129 26.13 1.59 -35.52
N PHE A 130 26.23 0.98 -34.33
CA PHE A 130 25.20 1.17 -33.27
C PHE A 130 25.82 1.60 -31.93
N PHE A 131 26.75 0.81 -31.37
CA PHE A 131 27.24 1.00 -29.96
C PHE A 131 28.13 2.25 -29.86
N MET A 132 28.78 2.67 -30.96
CA MET A 132 29.69 3.84 -30.88
C MET A 132 28.91 5.15 -30.77
N PRO A 133 27.92 5.50 -31.63
CA PRO A 133 27.13 6.72 -31.42
C PRO A 133 26.25 6.65 -30.16
N ALA A 134 25.90 5.42 -29.74
CA ALA A 134 25.16 5.11 -28.50
C ALA A 134 25.96 5.55 -27.25
N TRP A 135 27.29 5.54 -27.35
CA TRP A 135 28.24 5.85 -26.25
C TRP A 135 28.45 7.37 -26.16
N ASN A 136 27.93 8.14 -27.13
CA ASN A 136 27.96 9.63 -27.15
C ASN A 136 26.56 10.18 -26.86
N LEU A 137 25.60 9.28 -26.62
CA LEU A 137 24.15 9.59 -26.47
C LEU A 137 23.61 10.20 -27.76
N GLU A 138 24.16 9.85 -28.92
CA GLU A 138 23.60 10.28 -30.23
C GLU A 138 22.45 9.31 -30.58
N ILE A 139 22.75 8.02 -30.45
CA ILE A 139 21.79 6.90 -30.36
C ILE A 139 21.42 6.71 -28.87
N ILE A 140 20.12 6.73 -28.54
CA ILE A 140 19.56 6.38 -27.20
C ILE A 140 18.63 5.19 -27.39
N GLY A 141 19.01 4.02 -26.90
CA GLY A 141 18.29 2.77 -27.08
C GLY A 141 17.43 2.38 -25.87
N THR A 142 16.56 1.40 -26.07
CA THR A 142 15.70 0.71 -25.07
C THR A 142 15.52 -0.75 -25.52
N TYR A 143 14.77 -1.51 -24.75
CA TYR A 143 14.50 -2.94 -24.95
C TYR A 143 12.99 -3.13 -24.77
N ALA A 144 12.32 -3.46 -25.87
CA ALA A 144 10.85 -3.61 -25.98
C ALA A 144 10.54 -5.10 -25.98
N GLN A 145 10.27 -5.63 -24.80
CA GLN A 145 9.92 -7.05 -24.57
C GLN A 145 8.40 -7.07 -24.48
N THR A 146 7.81 -6.42 -23.46
CA THR A 146 6.39 -6.63 -23.07
C THR A 146 5.45 -5.95 -24.07
N GLU A 147 4.27 -6.56 -24.22
CA GLU A 147 3.19 -6.05 -25.09
C GLU A 147 1.97 -5.76 -24.19
N MET A 148 1.07 -4.87 -24.61
CA MET A 148 -0.20 -4.63 -23.90
C MET A 148 -0.86 -5.99 -23.60
N GLY A 149 -0.66 -7.01 -24.43
CA GLY A 149 -1.35 -8.31 -24.28
C GLY A 149 -0.50 -9.38 -23.63
N HIS A 150 0.81 -9.16 -23.54
CA HIS A 150 1.65 -10.25 -22.95
C HIS A 150 2.83 -9.65 -22.17
N GLY A 151 3.01 -10.15 -20.94
CA GLY A 151 4.10 -9.75 -20.06
C GLY A 151 4.75 -10.97 -19.49
N THR A 152 3.98 -11.77 -18.76
CA THR A 152 4.51 -12.98 -18.10
C THR A 152 4.82 -13.97 -19.19
N HIS A 153 3.85 -14.22 -20.08
CA HIS A 153 3.94 -15.30 -21.08
C HIS A 153 4.57 -14.76 -22.36
N LEU A 154 5.90 -14.80 -22.42
CA LEU A 154 6.62 -14.24 -23.58
C LEU A 154 6.32 -15.06 -24.84
N ARG A 155 6.19 -16.38 -24.72
CA ARG A 155 5.94 -17.27 -25.90
C ARG A 155 4.68 -16.76 -26.62
N GLY A 156 3.74 -16.12 -25.91
CA GLY A 156 2.47 -15.59 -26.43
C GLY A 156 2.64 -14.21 -27.05
N LEU A 157 3.82 -13.60 -26.97
CA LEU A 157 4.08 -12.32 -27.71
C LEU A 157 3.53 -12.40 -29.14
N GLU A 158 2.91 -11.33 -29.64
CA GLU A 158 2.31 -11.28 -31.01
C GLU A 158 3.16 -10.53 -32.04
N THR A 159 4.15 -9.76 -31.63
CA THR A 159 5.01 -8.99 -32.59
C THR A 159 5.72 -10.03 -33.51
N THR A 160 5.73 -9.76 -34.81
CA THR A 160 6.35 -10.61 -35.87
C THR A 160 7.53 -9.90 -36.54
N ALA A 161 8.58 -10.70 -36.79
CA ALA A 161 9.75 -10.40 -37.65
C ALA A 161 9.82 -11.47 -38.75
N THR A 162 9.17 -11.19 -39.87
CA THR A 162 9.07 -12.10 -41.06
C THR A 162 10.24 -11.79 -42.00
N TYR A 163 11.02 -12.80 -42.42
CA TYR A 163 12.18 -12.60 -43.35
C TYR A 163 11.72 -12.49 -44.80
N ASP A 164 12.18 -11.45 -45.51
CA ASP A 164 12.00 -11.30 -46.98
C ASP A 164 13.31 -11.69 -47.68
N PRO A 165 13.41 -12.92 -48.26
CA PRO A 165 14.66 -13.37 -48.88
C PRO A 165 15.06 -12.46 -50.05
N GLU A 166 14.07 -11.98 -50.81
CA GLU A 166 14.32 -11.12 -51.98
C GLU A 166 15.11 -9.88 -51.56
N THR A 167 14.55 -9.05 -50.68
CA THR A 167 15.10 -7.70 -50.36
C THR A 167 16.02 -7.81 -49.13
N GLN A 168 16.34 -9.04 -48.68
CA GLN A 168 17.24 -9.35 -47.53
C GLN A 168 16.92 -8.48 -46.32
N GLU A 169 15.64 -8.41 -45.95
CA GLU A 169 15.12 -7.58 -44.82
C GLU A 169 14.24 -8.41 -43.91
N PHE A 170 14.12 -7.98 -42.65
CA PHE A 170 13.04 -8.41 -41.73
C PHE A 170 11.88 -7.40 -41.81
N ILE A 171 10.65 -7.93 -41.83
CA ILE A 171 9.35 -7.21 -41.63
C ILE A 171 8.88 -7.35 -40.16
N LEU A 172 9.00 -6.26 -39.40
CA LEU A 172 8.56 -6.11 -37.98
C LEU A 172 7.13 -5.57 -37.99
N ASN A 173 6.16 -6.38 -37.59
CA ASN A 173 4.73 -5.95 -37.63
C ASN A 173 4.09 -6.05 -36.24
N SER A 174 3.19 -5.13 -35.94
CA SER A 174 2.30 -5.12 -34.76
C SER A 174 0.87 -5.39 -35.24
N PRO A 175 0.48 -6.66 -35.45
CA PRO A 175 -0.80 -6.98 -36.10
C PRO A 175 -2.03 -6.43 -35.36
N THR A 176 -2.00 -6.37 -34.03
CA THR A 176 -3.19 -6.09 -33.17
C THR A 176 -2.84 -4.97 -32.19
N VAL A 177 -3.87 -4.34 -31.64
CA VAL A 177 -3.72 -3.40 -30.48
C VAL A 177 -2.99 -4.12 -29.32
N THR A 178 -3.21 -5.41 -29.09
CA THR A 178 -2.57 -6.11 -27.95
C THR A 178 -1.08 -6.37 -28.24
N SER A 179 -0.74 -6.52 -29.53
CA SER A 179 0.64 -6.75 -30.01
C SER A 179 1.54 -5.55 -29.63
N ILE A 180 0.93 -4.40 -29.41
CA ILE A 180 1.69 -3.13 -29.23
C ILE A 180 2.67 -3.30 -28.04
N LYS A 181 3.93 -2.97 -28.25
CA LYS A 181 4.92 -2.99 -27.15
C LYS A 181 4.45 -1.96 -26.10
N TRP A 182 4.58 -2.30 -24.82
CA TRP A 182 3.92 -1.54 -23.73
C TRP A 182 4.74 -1.67 -22.45
N TRP A 183 5.14 -0.49 -21.90
CA TRP A 183 5.91 -0.29 -20.64
C TRP A 183 7.37 0.12 -20.84
N PRO A 184 8.11 -0.38 -21.86
CA PRO A 184 9.56 -0.22 -21.87
C PRO A 184 9.96 1.22 -21.51
N GLY A 185 10.83 1.37 -20.50
CA GLY A 185 11.39 2.68 -20.15
C GLY A 185 12.05 3.27 -21.39
N GLY A 186 11.80 4.55 -21.66
CA GLY A 186 12.59 5.31 -22.65
C GLY A 186 11.92 5.27 -23.99
N LEU A 187 10.98 4.34 -24.13
CA LEU A 187 10.33 4.04 -25.44
C LEU A 187 9.37 5.17 -25.80
N GLY A 188 8.91 5.92 -24.80
CA GLY A 188 7.87 6.96 -24.93
C GLY A 188 8.39 8.11 -25.76
N LYS A 189 9.43 8.78 -25.26
CA LYS A 189 10.01 10.05 -25.76
C LYS A 189 11.54 9.98 -25.90
N THR A 190 12.23 9.23 -25.05
CA THR A 190 13.71 9.32 -24.86
C THR A 190 14.39 8.64 -26.07
N SER A 191 14.03 7.40 -26.38
CA SER A 191 14.83 6.50 -27.25
C SER A 191 14.54 6.77 -28.73
N ASN A 192 15.61 6.71 -29.55
CA ASN A 192 15.57 6.84 -31.03
C ASN A 192 15.85 5.45 -31.64
N HIS A 193 15.89 4.40 -30.82
CA HIS A 193 16.39 3.04 -31.16
C HIS A 193 15.85 2.02 -30.15
N ALA A 194 15.35 0.87 -30.57
CA ALA A 194 14.93 -0.20 -29.65
C ALA A 194 15.41 -1.57 -30.11
N ILE A 195 16.01 -2.36 -29.22
CA ILE A 195 16.08 -3.84 -29.43
C ILE A 195 14.67 -4.38 -29.16
N VAL A 196 14.04 -4.95 -30.19
CA VAL A 196 12.63 -5.45 -30.17
C VAL A 196 12.67 -6.98 -30.16
N LEU A 197 11.86 -7.60 -29.30
CA LEU A 197 11.75 -9.07 -29.17
C LEU A 197 10.52 -9.51 -29.94
N ALA A 198 10.65 -10.47 -30.86
CA ALA A 198 9.62 -10.80 -31.87
C ALA A 198 9.64 -12.29 -32.18
N GLN A 199 8.54 -12.80 -32.73
CA GLN A 199 8.48 -14.19 -33.22
C GLN A 199 9.18 -14.23 -34.61
N LEU A 200 10.26 -15.00 -34.78
CA LEU A 200 11.01 -15.11 -36.07
C LEU A 200 10.28 -16.09 -37.00
N ILE A 201 9.62 -15.58 -38.04
CA ILE A 201 9.06 -16.39 -39.18
C ILE A 201 10.04 -16.24 -40.34
N THR A 202 10.56 -17.34 -40.89
CA THR A 202 11.34 -17.29 -42.16
C THR A 202 10.78 -18.32 -43.12
N LYS A 203 10.44 -17.87 -44.33
CA LYS A 203 9.77 -18.65 -45.41
C LYS A 203 8.68 -19.50 -44.78
N GLY A 204 9.02 -20.75 -44.47
CA GLY A 204 8.13 -21.74 -43.83
C GLY A 204 7.46 -21.17 -42.60
N LYS A 205 8.02 -21.42 -41.41
CA LYS A 205 7.26 -21.05 -40.20
C LYS A 205 8.02 -20.29 -39.13
N TYR A 207 10.23 -19.65 -35.69
CA TYR A 207 11.36 -20.26 -34.93
C TYR A 207 11.49 -19.56 -33.57
N GLY A 208 10.36 -19.08 -33.05
CA GLY A 208 10.22 -18.56 -31.67
C GLY A 208 10.92 -17.22 -31.47
N LEU A 209 11.09 -16.84 -30.22
CA LEU A 209 11.52 -15.46 -29.85
C LEU A 209 12.97 -15.19 -30.27
N HIS A 210 13.20 -14.08 -30.98
CA HIS A 210 14.54 -13.52 -31.29
C HIS A 210 14.51 -11.99 -31.11
N ALA A 211 15.68 -11.38 -30.97
CA ALA A 211 15.89 -9.92 -30.80
C ALA A 211 16.25 -9.27 -32.15
N PHE A 212 15.76 -8.06 -32.40
CA PHE A 212 16.00 -7.25 -33.63
C PHE A 212 16.25 -5.79 -33.26
N ILE A 213 17.28 -5.19 -33.84
CA ILE A 213 17.61 -3.75 -33.65
C ILE A 213 16.75 -2.95 -34.62
N VAL A 214 15.77 -2.23 -34.08
CA VAL A 214 14.78 -1.40 -34.82
C VAL A 214 15.04 0.04 -34.45
N PRO A 215 15.65 0.83 -35.36
CA PRO A 215 15.68 2.29 -35.22
C PRO A 215 14.21 2.70 -35.23
N ILE A 216 13.84 3.73 -34.46
CA ILE A 216 12.40 4.16 -34.28
C ILE A 216 12.25 5.68 -34.48
N ARG A 217 13.31 6.46 -34.30
CA ARG A 217 13.26 7.93 -34.52
C ARG A 217 14.54 8.39 -35.25
N GLU A 218 14.47 9.50 -35.99
CA GLU A 218 15.64 10.03 -36.73
C GLU A 218 16.70 10.45 -35.71
N ILE A 219 17.97 10.39 -36.06
CA ILE A 219 19.09 10.69 -35.11
C ILE A 219 19.15 12.20 -34.83
N GLY A 220 18.55 13.05 -35.68
CA GLY A 220 18.67 14.51 -35.56
C GLY A 220 17.39 15.22 -35.17
N THR A 221 16.34 15.06 -35.98
CA THR A 221 15.00 15.66 -35.72
C THR A 221 14.34 15.01 -34.50
N HIS A 222 14.81 13.80 -34.14
CA HIS A 222 14.17 12.87 -33.16
C HIS A 222 12.74 12.52 -33.64
N LYS A 223 12.45 12.75 -34.94
CA LYS A 223 11.11 12.56 -35.58
C LYS A 223 10.90 11.05 -35.71
N PRO A 224 9.67 10.55 -35.47
CA PRO A 224 9.36 9.14 -35.69
C PRO A 224 9.47 8.70 -37.16
N LEU A 225 10.15 7.57 -37.38
CA LEU A 225 10.42 6.96 -38.70
C LEU A 225 9.10 6.49 -39.30
N PRO A 226 9.01 6.33 -40.65
CA PRO A 226 7.85 5.73 -41.30
C PRO A 226 7.56 4.30 -40.81
N GLY A 227 6.28 3.94 -40.70
CA GLY A 227 5.82 2.66 -40.09
C GLY A 227 5.84 2.64 -38.56
N ILE A 228 6.41 3.65 -37.88
CA ILE A 228 6.62 3.69 -36.39
C ILE A 228 5.57 4.56 -35.69
N THR A 229 4.78 3.99 -34.76
CA THR A 229 3.90 4.72 -33.81
C THR A 229 4.42 4.54 -32.38
N VAL A 230 4.77 5.64 -31.73
CA VAL A 230 5.49 5.64 -30.43
C VAL A 230 4.96 6.76 -29.53
N GLY A 231 4.83 6.47 -28.22
CA GLY A 231 4.31 7.44 -27.23
C GLY A 231 4.39 6.94 -25.79
N ASP A 232 4.08 7.85 -24.86
CA ASP A 232 4.05 7.57 -23.41
C ASP A 232 2.73 6.83 -23.09
N ILE A 233 2.74 5.76 -22.29
CA ILE A 233 1.51 4.94 -21.96
C ILE A 233 0.58 5.65 -20.96
N GLY A 234 0.89 6.89 -20.53
CA GLY A 234 0.08 7.69 -19.59
C GLY A 234 0.65 7.65 -18.16
N PRO A 235 0.02 8.41 -17.22
CA PRO A 235 0.48 8.52 -15.84
C PRO A 235 0.19 7.23 -15.03
N LYS A 236 1.01 6.98 -14.01
CA LYS A 236 0.99 5.74 -13.20
C LYS A 236 1.00 6.10 -11.72
N PHE A 237 1.00 5.10 -10.84
CA PHE A 237 1.03 5.25 -9.38
C PHE A 237 2.33 5.99 -8.99
N GLY A 238 3.46 5.60 -9.56
CA GLY A 238 4.68 6.42 -9.54
C GLY A 238 5.37 6.42 -10.89
N TYR A 239 6.69 6.38 -10.91
CA TYR A 239 7.47 6.41 -12.19
C TYR A 239 7.08 7.63 -13.03
N ASP A 240 6.77 8.80 -12.44
CA ASP A 240 6.52 10.06 -13.21
C ASP A 240 7.71 10.44 -14.10
N GLU A 241 8.93 10.17 -13.62
CA GLU A 241 10.22 10.48 -14.27
C GLU A 241 10.46 9.62 -15.53
N ILE A 242 9.70 8.53 -15.70
CA ILE A 242 9.95 7.55 -16.78
C ILE A 242 8.82 7.70 -17.78
N ASP A 243 9.19 8.00 -19.03
CA ASP A 243 8.38 7.83 -20.26
C ASP A 243 8.22 6.34 -20.57
N ASN A 244 7.68 5.51 -19.66
CA ASN A 244 7.21 4.14 -19.96
C ASN A 244 6.36 4.23 -21.22
N GLY A 245 6.69 3.45 -22.25
CA GLY A 245 6.23 3.78 -23.62
C GLY A 245 5.57 2.65 -24.36
N TYR A 246 4.87 2.98 -25.45
CA TYR A 246 4.34 1.99 -26.44
C TYR A 246 5.07 2.11 -27.81
N LEU A 247 5.00 1.04 -28.62
CA LEU A 247 5.63 0.94 -29.97
C LEU A 247 4.76 0.08 -30.88
N LYS A 248 4.10 0.71 -31.87
CA LYS A 248 3.25 0.05 -32.90
C LYS A 248 4.03 0.05 -34.22
N MET A 249 4.36 -1.13 -34.73
CA MET A 249 5.18 -1.26 -35.97
C MET A 249 4.26 -1.77 -37.07
N ASP A 250 4.17 -0.99 -38.17
CA ASP A 250 3.28 -1.23 -39.34
C ASP A 250 4.13 -1.83 -40.48
N ASN A 251 4.38 -3.15 -40.41
CA ASN A 251 5.22 -3.93 -41.36
C ASN A 251 6.47 -3.12 -41.70
N HIS A 252 7.16 -2.65 -40.65
CA HIS A 252 8.34 -1.79 -40.77
C HIS A 252 9.52 -2.65 -41.21
N ARG A 253 10.41 -2.09 -42.03
CA ARG A 253 11.52 -2.81 -42.71
C ARG A 253 12.88 -2.39 -42.11
N ILE A 254 13.70 -3.41 -41.82
CA ILE A 254 15.06 -3.31 -41.21
C ILE A 254 15.99 -4.27 -41.94
N PRO A 255 17.28 -3.92 -42.14
CA PRO A 255 18.23 -4.86 -42.75
C PRO A 255 18.28 -6.18 -41.99
N ARG A 256 18.63 -7.28 -42.68
CA ARG A 256 18.72 -8.65 -42.11
C ARG A 256 19.85 -8.71 -41.07
N GLU A 257 20.84 -7.81 -41.19
CA GLU A 257 22.01 -7.72 -40.27
C GLU A 257 21.60 -6.96 -39.00
N ASN A 258 20.32 -6.58 -38.85
CA ASN A 258 19.79 -5.92 -37.63
C ASN A 258 19.40 -7.00 -36.61
N MET A 259 19.15 -8.22 -37.08
CA MET A 259 18.94 -9.37 -36.17
C MET A 259 20.22 -9.68 -35.40
N LEU A 260 20.15 -9.68 -34.07
CA LEU A 260 21.21 -10.14 -33.13
C LEU A 260 21.41 -11.65 -33.35
N MET A 261 22.60 -12.06 -33.82
CA MET A 261 22.80 -13.46 -34.27
C MET A 261 24.00 -14.10 -33.58
N LYS A 262 24.11 -13.98 -32.27
CA LYS A 262 25.24 -14.61 -31.55
C LYS A 262 24.98 -16.11 -31.41
N TYR A 263 23.72 -16.56 -31.33
CA TYR A 263 23.37 -17.98 -31.06
C TYR A 263 22.36 -18.54 -32.06
N ALA A 264 21.91 -17.74 -33.02
CA ALA A 264 21.01 -18.20 -34.11
C ALA A 264 21.11 -17.20 -35.27
N GLN A 265 20.97 -17.70 -36.51
CA GLN A 265 21.24 -16.86 -37.70
C GLN A 265 20.15 -17.12 -38.73
N VAL A 266 19.86 -16.10 -39.57
CA VAL A 266 19.09 -16.26 -40.84
C VAL A 266 20.02 -15.86 -41.99
N LYS A 267 20.31 -16.81 -42.89
CA LYS A 267 21.20 -16.62 -44.08
C LYS A 267 20.51 -15.67 -45.06
N PRO A 268 21.20 -15.05 -46.06
CA PRO A 268 20.47 -14.25 -47.04
C PRO A 268 19.48 -15.16 -47.78
N ASP A 269 19.62 -16.47 -47.64
CA ASP A 269 18.67 -17.41 -48.28
C ASP A 269 17.51 -17.65 -47.32
N GLY A 270 17.32 -16.77 -46.33
CA GLY A 270 16.28 -16.99 -45.32
C GLY A 270 16.39 -18.33 -44.64
N THR A 271 17.58 -18.91 -44.59
CA THR A 271 17.81 -20.23 -43.94
C THR A 271 18.02 -20.00 -42.44
N TYR A 272 17.25 -20.69 -41.60
CA TYR A 272 17.36 -20.54 -40.13
C TYR A 272 18.39 -21.54 -39.60
N VAL A 273 19.33 -21.07 -38.78
CA VAL A 273 20.44 -21.89 -38.24
C VAL A 273 20.43 -21.84 -36.71
N LYS A 274 20.29 -23.00 -36.04
CA LYS A 274 20.42 -23.18 -34.56
C LYS A 274 19.37 -22.39 -33.77
N MET A 285 17.62 -12.61 -16.67
CA MET A 285 16.90 -12.31 -15.41
C MET A 285 17.47 -13.21 -14.30
N VAL A 286 18.55 -12.76 -13.66
CA VAL A 286 19.15 -13.48 -12.50
C VAL A 286 20.11 -12.53 -11.77
N PHE A 287 20.89 -11.76 -12.50
CA PHE A 287 21.66 -10.63 -11.91
C PHE A 287 20.66 -9.57 -11.43
N VAL A 288 19.61 -9.34 -12.22
CA VAL A 288 18.58 -8.28 -11.97
C VAL A 288 17.79 -8.66 -10.69
N ARG A 289 17.35 -9.91 -10.63
CA ARG A 289 16.58 -10.46 -9.48
C ARG A 289 17.41 -10.25 -8.20
N SER A 290 18.71 -10.51 -8.29
CA SER A 290 19.71 -10.39 -7.21
C SER A 290 19.75 -8.94 -6.73
N PHE A 291 19.89 -8.01 -7.68
CA PHE A 291 19.95 -6.54 -7.49
C PHE A 291 18.65 -6.07 -6.82
N LEU A 292 17.52 -6.66 -7.19
CA LEU A 292 16.18 -6.20 -6.69
C LEU A 292 16.08 -6.59 -5.20
N VAL A 293 16.68 -7.71 -4.80
CA VAL A 293 16.79 -8.08 -3.38
C VAL A 293 17.46 -6.91 -2.62
N GLY A 294 18.59 -6.39 -3.12
CA GLY A 294 19.27 -5.24 -2.52
C GLY A 294 18.38 -4.01 -2.53
N GLU A 295 17.58 -3.86 -3.57
CA GLU A 295 16.63 -2.71 -3.71
C GLU A 295 15.51 -2.81 -2.66
N ALA A 296 15.10 -4.03 -2.34
CA ALA A 296 14.04 -4.29 -1.37
C ALA A 296 14.63 -3.90 -0.03
N ALA A 297 15.86 -4.35 0.23
CA ALA A 297 16.61 -4.02 1.47
C ALA A 297 16.69 -2.49 1.65
N ARG A 298 17.11 -1.78 0.61
CA ARG A 298 17.41 -0.34 0.65
C ARG A 298 16.10 0.44 0.93
N ALA A 299 15.06 0.10 0.17
CA ALA A 299 13.78 0.83 0.27
C ALA A 299 13.20 0.60 1.67
N LEU A 300 13.28 -0.63 2.19
CA LEU A 300 12.79 -0.88 3.56
C LEU A 300 13.64 -0.11 4.56
N SER A 301 14.95 -0.11 4.34
CA SER A 301 15.89 0.61 5.24
C SER A 301 15.57 2.10 5.28
N LYS A 302 15.33 2.74 4.13
CA LYS A 302 15.01 4.19 4.12
C LYS A 302 13.71 4.45 4.92
N ALA A 303 12.69 3.60 4.72
CA ALA A 303 11.36 3.75 5.35
C ALA A 303 11.53 3.59 6.85
N CYS A 304 12.37 2.63 7.30
CA CYS A 304 12.59 2.44 8.74
C CYS A 304 13.33 3.67 9.32
N THR A 305 14.24 4.23 8.55
CA THR A 305 15.06 5.38 8.98
C THR A 305 14.06 6.50 9.28
N ILE A 306 13.15 6.77 8.33
CA ILE A 306 12.24 7.93 8.48
C ILE A 306 11.31 7.67 9.66
N ALA A 307 10.77 6.48 9.80
CA ALA A 307 9.70 6.22 10.80
C ALA A 307 10.29 6.18 12.20
N ILE A 308 11.45 5.55 12.39
CA ILE A 308 12.15 5.42 13.70
C ILE A 308 12.69 6.81 14.09
N ARG A 309 13.25 7.60 13.20
CA ARG A 309 13.71 8.95 13.65
C ARG A 309 12.50 9.79 14.07
N TYR A 310 11.46 9.79 13.24
CA TYR A 310 10.25 10.60 13.47
C TYR A 310 9.60 10.13 14.78
N SER A 311 9.63 8.82 15.05
CA SER A 311 9.03 8.25 16.29
C SER A 311 9.80 8.69 17.55
N ALA A 312 11.10 8.98 17.41
CA ALA A 312 11.99 9.49 18.50
C ALA A 312 11.84 10.99 18.63
N VAL A 313 11.40 11.65 17.57
CA VAL A 313 11.18 13.12 17.59
C VAL A 313 9.76 13.47 18.09
N ARG A 314 8.76 12.76 17.58
CA ARG A 314 7.32 13.00 17.83
C ARG A 314 6.97 12.62 19.27
N HIS A 315 6.43 13.56 20.03
CA HIS A 315 5.80 13.22 21.33
C HIS A 315 4.31 13.22 21.11
N GLN A 316 3.59 12.31 21.79
CA GLN A 316 2.11 12.26 21.77
C GLN A 316 1.57 11.38 22.89
N SER A 317 0.41 11.79 23.41
CA SER A 317 -0.44 11.00 24.32
C SER A 317 0.29 10.80 25.65
N GLU A 318 -0.14 9.84 26.45
CA GLU A 318 0.25 9.69 27.86
C GLU A 318 0.59 8.24 28.17
N ILE A 319 1.60 8.05 29.00
CA ILE A 319 1.73 6.83 29.83
C ILE A 319 1.27 7.27 31.24
N LYS A 320 2.13 7.56 32.20
CA LYS A 320 1.66 8.08 33.52
C LYS A 320 0.94 9.40 33.28
N PRO A 321 -0.36 9.51 33.64
CA PRO A 321 -1.16 10.66 33.24
C PRO A 321 -0.67 11.90 34.00
N GLY A 322 -0.52 13.05 33.32
CA GLY A 322 0.01 14.28 33.92
C GLY A 322 1.52 14.44 33.82
N GLU A 323 2.30 13.34 33.67
CA GLU A 323 3.74 13.40 33.25
C GLU A 323 3.84 13.82 31.78
N PRO A 324 5.01 14.33 31.31
CA PRO A 324 5.11 14.82 29.94
C PRO A 324 4.75 13.78 28.88
N GLU A 325 4.23 14.26 27.77
CA GLU A 325 3.87 13.34 26.67
C GLU A 325 5.14 12.65 26.22
N PRO A 326 5.15 11.32 26.11
CA PRO A 326 6.36 10.64 25.73
C PRO A 326 6.66 10.55 24.23
N GLN A 327 7.92 10.37 23.88
CA GLN A 327 8.23 10.00 22.48
C GLN A 327 7.30 8.84 22.06
N ILE A 328 6.71 8.87 20.86
CA ILE A 328 5.79 7.77 20.43
C ILE A 328 6.57 6.47 20.34
N LEU A 329 7.87 6.48 20.09
CA LEU A 329 8.67 5.22 20.05
C LEU A 329 8.71 4.49 21.40
N ASP A 330 8.30 5.12 22.50
CA ASP A 330 8.15 4.42 23.82
C ASP A 330 6.89 3.55 23.89
N PHE A 331 5.89 3.75 23.03
CA PHE A 331 4.70 2.85 23.03
C PHE A 331 5.08 1.48 22.46
N GLN A 332 4.70 0.41 23.16
CA GLN A 332 5.03 -0.96 22.68
C GLN A 332 4.47 -1.17 21.26
N THR A 333 3.29 -0.67 20.96
CA THR A 333 2.64 -0.87 19.64
C THR A 333 3.51 -0.21 18.56
N GLN A 334 4.03 0.99 18.81
CA GLN A 334 4.91 1.66 17.81
C GLN A 334 6.22 0.85 17.67
N GLN A 335 6.73 0.29 18.79
CA GLN A 335 7.92 -0.59 18.71
C GLN A 335 7.61 -1.80 17.87
N TYR A 336 6.41 -2.35 18.00
CA TYR A 336 6.05 -3.62 17.30
C TYR A 336 5.85 -3.36 15.80
N LYS A 337 5.37 -2.17 15.44
CA LYS A 337 5.21 -1.82 14.01
C LYS A 337 6.61 -1.74 13.40
N LEU A 338 7.54 -1.12 14.10
CA LEU A 338 8.81 -0.67 13.44
C LEU A 338 10.04 -1.55 13.71
N PHE A 339 10.24 -2.14 14.89
CA PHE A 339 11.53 -2.82 15.17
C PHE A 339 11.59 -4.10 14.35
N PRO A 340 10.46 -4.83 14.18
CA PRO A 340 10.46 -6.02 13.36
C PRO A 340 10.87 -5.67 11.92
N LEU A 341 10.49 -4.50 11.47
CA LEU A 341 10.83 -4.06 10.10
C LEU A 341 12.31 -3.69 9.95
N LEU A 342 12.88 -3.01 10.96
CA LEU A 342 14.33 -2.71 11.06
C LEU A 342 15.14 -4.03 11.11
N ALA A 343 14.69 -5.02 11.88
CA ALA A 343 15.30 -6.36 11.87
C ALA A 343 15.22 -6.96 10.46
N THR A 344 14.10 -6.79 9.78
CA THR A 344 13.92 -7.29 8.39
C THR A 344 14.87 -6.52 7.45
N ALA A 345 14.93 -5.19 7.58
CA ALA A 345 15.79 -4.33 6.75
C ALA A 345 17.23 -4.86 6.86
N TYR A 346 17.70 -5.22 8.06
CA TYR A 346 19.08 -5.74 8.21
C TYR A 346 19.15 -7.16 7.65
N ALA A 347 18.20 -8.04 7.96
CA ALA A 347 18.15 -9.37 7.35
C ALA A 347 18.33 -9.19 5.84
N PHE A 348 17.58 -8.28 5.24
CA PHE A 348 17.53 -8.19 3.75
C PHE A 348 18.86 -7.60 3.24
N GLN A 349 19.51 -6.71 3.99
CA GLN A 349 20.83 -6.18 3.58
C GLN A 349 21.79 -7.36 3.43
N PHE A 350 21.79 -8.28 4.41
CA PHE A 350 22.73 -9.44 4.46
C PHE A 350 22.33 -10.50 3.44
N VAL A 351 21.05 -10.61 3.09
CA VAL A 351 20.64 -11.55 2.00
C VAL A 351 21.10 -10.94 0.68
N GLY A 352 20.93 -9.64 0.50
CA GLY A 352 21.41 -8.97 -0.73
C GLY A 352 22.91 -9.18 -0.92
N ALA A 353 23.71 -8.93 0.11
CA ALA A 353 25.19 -9.06 0.05
C ALA A 353 25.53 -10.51 -0.28
N TYR A 354 24.91 -11.49 0.39
CA TYR A 354 25.14 -12.93 0.15
C TYR A 354 24.88 -13.29 -1.33
N MET A 355 23.87 -12.69 -1.96
CA MET A 355 23.53 -12.99 -3.35
C MET A 355 24.66 -12.46 -4.23
N LYS A 356 24.99 -11.18 -4.04
CA LYS A 356 26.05 -10.47 -4.76
C LYS A 356 27.34 -11.28 -4.66
N GLU A 357 27.66 -11.79 -3.46
CA GLU A 357 28.93 -12.52 -3.20
C GLU A 357 28.86 -13.88 -3.88
N THR A 358 27.71 -14.57 -3.85
CA THR A 358 27.52 -15.91 -4.48
C THR A 358 27.65 -15.79 -6.01
N TYR A 359 26.90 -14.89 -6.65
CA TYR A 359 26.88 -14.64 -8.13
C TYR A 359 28.31 -14.50 -8.66
N HIS A 360 29.04 -13.49 -8.20
CA HIS A 360 30.46 -13.24 -8.57
C HIS A 360 31.24 -14.56 -8.65
N ARG A 361 31.18 -15.38 -7.59
CA ARG A 361 31.90 -16.68 -7.48
C ARG A 361 31.39 -17.66 -8.56
N ILE A 362 30.09 -17.96 -8.59
CA ILE A 362 29.57 -19.08 -9.43
C ILE A 362 29.87 -18.76 -10.91
N SER A 372 26.56 -27.36 -11.91
CA SER A 372 25.80 -28.11 -10.86
C SER A 372 24.92 -27.12 -10.05
N PRO A 375 20.75 -23.32 -11.45
CA PRO A 375 19.72 -24.33 -11.27
C PRO A 375 18.99 -24.10 -9.93
N GLU A 376 19.68 -24.35 -8.82
CA GLU A 376 19.24 -23.86 -7.51
C GLU A 376 19.32 -22.32 -7.53
N LEU A 377 20.36 -21.74 -8.14
CA LEU A 377 20.55 -20.28 -8.16
C LEU A 377 19.36 -19.59 -8.82
N HIS A 378 18.81 -20.17 -9.89
CA HIS A 378 17.66 -19.55 -10.62
C HIS A 378 16.43 -19.52 -9.69
N ALA A 379 16.14 -20.68 -9.09
CA ALA A 379 15.05 -20.93 -8.14
C ALA A 379 15.18 -19.97 -6.96
N LEU A 380 16.37 -19.94 -6.34
CA LEU A 380 16.59 -19.19 -5.09
C LEU A 380 16.47 -17.69 -5.37
N THR A 381 17.01 -17.18 -6.46
CA THR A 381 16.95 -15.73 -6.80
C THR A 381 15.50 -15.33 -7.06
N ALA A 382 14.73 -16.14 -7.79
CA ALA A 382 13.32 -15.87 -8.09
C ALA A 382 12.54 -15.71 -6.78
N GLY A 383 12.63 -16.72 -5.92
CA GLY A 383 11.91 -16.83 -4.64
C GLY A 383 12.30 -15.70 -3.70
N LEU A 384 13.60 -15.36 -3.68
CA LEU A 384 14.09 -14.30 -2.74
C LEU A 384 13.73 -12.90 -3.28
N LYS A 385 13.72 -12.72 -4.62
CA LYS A 385 13.22 -11.47 -5.24
C LYS A 385 11.73 -11.28 -4.83
N ALA A 386 10.93 -12.33 -4.87
CA ALA A 386 9.47 -12.22 -4.58
C ALA A 386 9.28 -11.99 -3.07
N PHE A 387 9.92 -12.83 -2.25
CA PHE A 387 9.83 -12.78 -0.77
C PHE A 387 10.18 -11.37 -0.26
N THR A 388 11.34 -10.87 -0.67
CA THR A 388 11.88 -9.58 -0.18
C THR A 388 11.05 -8.42 -0.72
N SER A 389 10.68 -8.44 -1.98
CA SER A 389 9.98 -7.28 -2.57
C SER A 389 8.56 -7.21 -1.94
N TRP A 390 7.83 -8.31 -1.85
CA TRP A 390 6.50 -8.36 -1.16
C TRP A 390 6.64 -7.83 0.27
N THR A 391 7.65 -8.28 1.01
CA THR A 391 7.77 -7.95 2.45
C THR A 391 8.15 -6.47 2.61
N ALA A 392 9.10 -6.00 1.82
CA ALA A 392 9.50 -4.58 1.84
C ALA A 392 8.28 -3.73 1.50
N ASN A 393 7.52 -4.15 0.49
CA ASN A 393 6.32 -3.44 0.00
C ASN A 393 5.36 -3.15 1.17
N THR A 394 4.95 -4.23 1.86
CA THR A 394 4.13 -4.13 3.07
C THR A 394 4.81 -3.23 4.11
N GLY A 395 6.09 -3.42 4.39
CA GLY A 395 6.82 -2.67 5.44
C GLY A 395 6.91 -1.17 5.20
N ILE A 396 7.09 -0.71 3.97
CA ILE A 396 7.13 0.75 3.66
C ILE A 396 5.82 1.43 4.06
N GLU A 397 4.68 0.83 3.69
CA GLU A 397 3.36 1.41 4.04
C GLU A 397 3.13 1.37 5.55
N ALA A 398 3.62 0.32 6.22
CA ALA A 398 3.52 0.24 7.69
C ALA A 398 4.33 1.38 8.32
N CYS A 399 5.52 1.63 7.79
CA CYS A 399 6.33 2.77 8.27
C CYS A 399 5.52 4.02 8.09
N ARG A 400 4.85 4.19 6.94
CA ARG A 400 4.14 5.47 6.66
C ARG A 400 2.98 5.67 7.63
N MET A 401 2.18 4.64 7.80
CA MET A 401 1.00 4.68 8.71
C MET A 401 1.49 4.87 10.15
N ALA A 402 2.70 4.47 10.46
CA ALA A 402 3.23 4.62 11.83
C ALA A 402 3.52 6.09 12.14
N CYS A 403 3.71 6.91 11.13
CA CYS A 403 3.95 8.35 11.34
C CYS A 403 2.66 9.16 11.49
N GLY A 404 1.48 8.54 11.48
CA GLY A 404 0.24 9.30 11.57
C GLY A 404 0.08 10.20 10.36
N GLY A 405 -0.66 11.29 10.57
CA GLY A 405 -1.08 12.19 9.49
C GLY A 405 0.10 12.57 8.64
N HIS A 406 1.15 13.07 9.29
CA HIS A 406 2.33 13.61 8.58
C HIS A 406 2.92 12.54 7.64
N GLY A 407 2.74 11.25 7.95
CA GLY A 407 3.14 10.17 7.03
C GLY A 407 2.57 10.37 5.63
N TYR A 408 1.32 10.80 5.58
CA TYR A 408 0.49 10.83 4.38
C TYR A 408 0.89 12.04 3.55
N SER A 409 1.41 13.09 4.19
CA SER A 409 1.98 14.26 3.45
C SER A 409 3.26 13.82 2.72
N HIS A 410 3.51 14.36 1.54
CA HIS A 410 4.81 14.13 0.87
C HIS A 410 5.99 14.70 1.69
N CYS A 411 5.76 15.52 2.69
CA CYS A 411 6.77 15.94 3.71
C CYS A 411 7.51 14.73 4.31
N SER A 412 6.93 13.52 4.31
CA SER A 412 7.51 12.34 4.99
C SER A 412 8.49 11.63 4.05
N GLY A 413 8.42 11.89 2.76
CA GLY A 413 9.16 11.11 1.73
C GLY A 413 8.64 9.68 1.51
N LEU A 414 7.69 9.19 2.30
CA LEU A 414 7.34 7.75 2.25
C LEU A 414 6.40 7.40 1.11
N PRO A 415 5.34 8.18 0.78
CA PRO A 415 4.59 7.87 -0.44
C PRO A 415 5.51 7.66 -1.67
N ASN A 416 6.51 8.53 -1.91
CA ASN A 416 7.38 8.34 -3.11
C ASN A 416 8.19 7.03 -3.01
N ILE A 417 8.78 6.77 -1.86
CA ILE A 417 9.59 5.54 -1.73
C ILE A 417 8.66 4.38 -2.13
N TYR A 418 7.44 4.33 -1.57
CA TYR A 418 6.50 3.22 -1.84
C TYR A 418 6.12 3.14 -3.34
N VAL A 419 5.64 4.22 -3.94
CA VAL A 419 5.14 4.09 -5.31
C VAL A 419 6.30 3.70 -6.23
N ASN A 420 7.54 4.09 -5.96
CA ASN A 420 8.62 3.80 -6.95
C ASN A 420 9.26 2.48 -6.63
N PHE A 421 9.04 1.94 -5.42
CA PHE A 421 9.52 0.58 -5.11
C PHE A 421 8.51 -0.47 -5.56
N THR A 422 7.18 -0.21 -5.43
CA THR A 422 6.13 -1.25 -5.48
C THR A 422 6.14 -2.02 -6.80
N PRO A 423 6.42 -1.42 -7.99
CA PRO A 423 6.42 -2.19 -9.24
C PRO A 423 7.47 -3.32 -9.25
N SER A 424 8.46 -3.28 -8.37
CA SER A 424 9.40 -4.41 -8.18
C SER A 424 8.63 -5.71 -7.95
N CYS A 425 7.38 -5.67 -7.43
CA CYS A 425 6.64 -6.91 -7.13
C CYS A 425 5.98 -7.43 -8.41
N THR A 426 6.00 -6.65 -9.48
CA THR A 426 5.27 -6.91 -10.73
C THR A 426 6.27 -7.20 -11.85
N PHE A 427 7.27 -6.34 -12.00
CA PHE A 427 8.27 -6.46 -13.10
C PHE A 427 9.42 -7.42 -12.71
N GLU A 428 10.22 -7.77 -13.74
CA GLU A 428 11.30 -8.78 -13.67
C GLU A 428 10.78 -10.05 -13.02
N GLY A 429 9.70 -10.62 -13.57
CA GLY A 429 9.02 -11.83 -13.07
C GLY A 429 7.99 -11.48 -12.01
N GLU A 430 6.70 -11.51 -12.36
CA GLU A 430 5.63 -11.24 -11.37
C GLU A 430 5.83 -12.19 -10.16
N ASN A 431 5.61 -11.67 -8.95
CA ASN A 431 6.07 -12.35 -7.73
C ASN A 431 5.43 -13.74 -7.62
N THR A 432 4.16 -13.92 -7.98
CA THR A 432 3.45 -15.21 -7.73
C THR A 432 4.04 -16.26 -8.68
N VAL A 433 4.39 -15.81 -9.89
CA VAL A 433 4.98 -16.66 -10.97
C VAL A 433 6.35 -17.09 -10.43
N MET A 434 7.09 -16.15 -9.83
CA MET A 434 8.46 -16.39 -9.31
C MET A 434 8.36 -17.42 -8.19
N MET A 435 7.43 -17.25 -7.25
CA MET A 435 7.24 -18.27 -6.19
C MET A 435 6.89 -19.61 -6.83
N LEU A 436 6.11 -19.61 -7.93
CA LEU A 436 5.76 -20.90 -8.61
C LEU A 436 7.00 -21.47 -9.29
N GLN A 437 7.88 -20.67 -9.91
CA GLN A 437 9.22 -21.24 -10.33
C GLN A 437 9.98 -21.86 -9.13
N THR A 438 10.09 -21.14 -8.01
CA THR A 438 10.84 -21.66 -6.85
C THR A 438 10.27 -23.04 -6.45
N ALA A 439 8.95 -23.16 -6.48
CA ALA A 439 8.23 -24.40 -6.17
C ALA A 439 8.51 -25.48 -7.22
N ARG A 440 8.75 -25.17 -8.51
CA ARG A 440 9.14 -26.27 -9.47
C ARG A 440 10.38 -26.91 -8.88
N PHE A 441 11.36 -26.07 -8.53
CA PHE A 441 12.64 -26.53 -7.98
C PHE A 441 12.39 -27.34 -6.70
N LEU A 442 11.54 -26.86 -5.78
CA LEU A 442 11.33 -27.60 -4.52
C LEU A 442 10.67 -28.97 -4.79
N MET A 443 9.73 -29.05 -5.73
CA MET A 443 9.05 -30.35 -6.05
C MET A 443 10.11 -31.32 -6.64
N LYS A 444 10.96 -30.85 -7.57
CA LYS A 444 12.00 -31.68 -8.25
C LYS A 444 12.92 -32.21 -7.15
N SER A 445 13.34 -31.30 -6.28
CA SER A 445 14.27 -31.64 -5.17
C SER A 445 13.58 -32.69 -4.29
N TYR A 446 12.29 -32.53 -3.99
CA TYR A 446 11.55 -33.47 -3.08
C TYR A 446 11.52 -34.87 -3.71
N ASP A 447 11.16 -34.96 -4.99
CA ASP A 447 11.03 -36.22 -5.79
C ASP A 447 12.40 -36.93 -5.80
N GLN A 448 13.46 -36.15 -6.00
CA GLN A 448 14.86 -36.64 -6.03
C GLN A 448 15.20 -37.26 -4.67
N VAL A 449 14.91 -36.60 -3.55
CA VAL A 449 15.23 -37.13 -2.20
C VAL A 449 14.40 -38.39 -1.93
N HIS A 450 13.14 -38.45 -2.39
CA HIS A 450 12.24 -39.59 -2.10
C HIS A 450 12.42 -40.73 -3.11
N SER A 451 13.25 -40.52 -4.12
CA SER A 451 13.75 -41.57 -5.04
C SER A 451 15.17 -42.02 -4.60
N GLY A 452 15.69 -41.56 -3.46
CA GLY A 452 16.95 -42.05 -2.86
C GLY A 452 18.19 -41.20 -3.16
N LYS A 453 18.09 -40.24 -4.08
CA LYS A 453 19.22 -39.35 -4.50
C LYS A 453 19.33 -38.17 -3.52
N LEU A 454 20.54 -37.63 -3.37
CA LEU A 454 20.89 -36.56 -2.41
C LEU A 454 20.94 -35.23 -3.17
N VAL A 455 20.22 -34.23 -2.68
CA VAL A 455 20.24 -32.85 -3.24
C VAL A 455 21.25 -32.06 -2.41
N GLY A 457 22.95 -27.72 -1.56
CA GLY A 457 22.61 -26.30 -1.54
C GLY A 457 21.58 -26.04 -0.46
N MET A 458 20.80 -24.97 -0.61
CA MET A 458 19.81 -24.56 0.42
C MET A 458 18.72 -25.63 0.59
N VAL A 459 18.45 -26.49 -0.42
CA VAL A 459 17.43 -27.60 -0.29
C VAL A 459 18.02 -28.86 0.35
N SER A 460 19.29 -28.83 0.81
CA SER A 460 19.94 -30.04 1.41
C SER A 460 19.16 -30.47 2.65
N TYR A 461 18.35 -29.60 3.21
CA TYR A 461 17.51 -29.89 4.40
C TYR A 461 16.46 -30.94 4.06
N LEU A 462 16.09 -31.08 2.79
CA LEU A 462 15.09 -32.09 2.34
C LEU A 462 15.65 -33.51 2.49
N ASN A 463 16.97 -33.70 2.39
CA ASN A 463 17.63 -35.02 2.49
C ASN A 463 17.14 -35.72 3.76
N ASP A 464 17.03 -34.93 4.81
CA ASP A 464 16.73 -35.31 6.22
C ASP A 464 15.20 -35.41 6.46
N LEU A 465 14.42 -36.04 5.56
CA LEU A 465 12.91 -36.20 5.66
C LEU A 465 12.53 -37.59 6.18
N PRO A 466 11.53 -37.74 7.09
CA PRO A 466 11.36 -38.97 7.87
C PRO A 466 10.75 -40.14 7.06
N MET A 481 14.07 -29.89 21.79
CA MET A 481 13.42 -28.63 22.23
C MET A 481 14.13 -27.42 21.61
N VAL A 482 13.37 -26.55 20.96
CA VAL A 482 13.88 -25.33 20.25
C VAL A 482 14.40 -24.33 21.29
N ASP A 483 15.64 -23.88 21.17
CA ASP A 483 16.26 -22.85 22.04
C ASP A 483 16.08 -21.43 21.44
N ILE A 484 15.24 -20.58 22.06
CA ILE A 484 14.75 -19.30 21.43
C ILE A 484 15.81 -18.17 21.57
N ASN A 485 16.94 -18.42 22.26
CA ASN A 485 18.11 -17.50 22.37
C ASN A 485 19.22 -17.94 21.41
N SER A 486 19.01 -19.04 20.70
CA SER A 486 20.00 -19.55 19.74
C SER A 486 19.54 -19.29 18.31
N PRO A 487 20.27 -18.43 17.55
CA PRO A 487 20.03 -18.31 16.12
C PRO A 487 20.10 -19.67 15.41
N GLU A 488 20.99 -20.58 15.83
CA GLU A 488 21.21 -21.91 15.19
C GLU A 488 19.96 -22.76 15.38
N SER A 489 19.43 -22.84 16.60
CA SER A 489 18.19 -23.61 16.92
C SER A 489 16.97 -22.96 16.22
N LEU A 490 16.93 -21.64 16.11
CA LEU A 490 15.81 -20.97 15.40
C LEU A 490 15.90 -21.26 13.90
N THR A 491 17.08 -21.27 13.30
CA THR A 491 17.25 -21.68 11.89
C THR A 491 16.68 -23.08 11.70
N GLU A 492 17.05 -24.01 12.58
CA GLU A 492 16.54 -25.40 12.56
C GLU A 492 15.00 -25.43 12.56
N ALA A 493 14.33 -24.68 13.45
CA ALA A 493 12.85 -24.59 13.49
C ALA A 493 12.34 -24.22 12.09
N TYR A 494 12.97 -23.22 11.47
CA TYR A 494 12.51 -22.65 10.18
C TYR A 494 12.67 -23.73 9.12
N LYS A 495 13.78 -24.47 9.21
CA LYS A 495 14.11 -25.64 8.36
C LYS A 495 12.94 -26.65 8.37
N LEU A 496 12.54 -27.09 9.56
CA LEU A 496 11.42 -28.03 9.79
C LEU A 496 10.10 -27.40 9.30
N ARG A 497 9.88 -26.11 9.50
CA ARG A 497 8.63 -25.49 8.97
C ARG A 497 8.61 -25.63 7.45
N ALA A 498 9.71 -25.28 6.82
CA ALA A 498 9.79 -25.34 5.34
C ALA A 498 9.58 -26.80 4.86
N ALA A 499 10.30 -27.76 5.45
CA ALA A 499 10.23 -29.22 5.10
C ALA A 499 8.78 -29.69 5.21
N ARG A 500 8.05 -29.25 6.25
CA ARG A 500 6.63 -29.66 6.45
C ARG A 500 5.77 -29.15 5.27
N LEU A 501 5.95 -27.91 4.86
CA LEU A 501 5.05 -27.28 3.86
C LEU A 501 5.43 -27.77 2.47
N VAL A 502 6.71 -28.03 2.24
CA VAL A 502 7.20 -28.64 0.96
C VAL A 502 6.55 -30.01 0.78
N GLU A 503 6.62 -30.87 1.78
CA GLU A 503 6.02 -32.22 1.82
C GLU A 503 4.51 -32.14 1.64
N ILE A 504 3.82 -31.19 2.30
CA ILE A 504 2.35 -31.01 2.13
C ILE A 504 2.07 -30.62 0.68
N ALA A 505 2.82 -29.70 0.09
CA ALA A 505 2.61 -29.32 -1.32
C ALA A 505 2.77 -30.57 -2.17
N ALA A 506 3.86 -31.35 -1.96
CA ALA A 506 4.24 -32.52 -2.79
C ALA A 506 3.13 -33.56 -2.77
N LYS A 507 2.63 -33.87 -1.58
CA LYS A 507 1.62 -34.95 -1.39
C LYS A 507 0.27 -34.48 -1.95
N ASN A 508 -0.07 -33.21 -1.75
CA ASN A 508 -1.32 -32.64 -2.28
C ASN A 508 -1.26 -32.70 -3.80
N LEU A 509 -0.06 -32.46 -4.37
CA LEU A 509 0.10 -32.42 -5.85
C LEU A 509 -0.13 -33.84 -6.40
N GLN A 510 0.43 -34.87 -5.75
CA GLN A 510 0.33 -36.26 -6.23
C GLN A 510 -1.15 -36.67 -6.22
N LYS A 511 -1.88 -36.28 -5.18
CA LYS A 511 -3.33 -36.57 -5.04
C LYS A 511 -4.07 -35.97 -6.24
N GLU A 512 -3.82 -34.72 -6.57
CA GLU A 512 -4.54 -34.06 -7.70
C GLU A 512 -4.11 -34.67 -9.03
N VAL A 513 -2.86 -35.09 -9.18
CA VAL A 513 -2.35 -35.73 -10.43
C VAL A 513 -3.17 -36.99 -10.75
N ILE A 514 -3.36 -37.86 -9.77
CA ILE A 514 -4.04 -39.17 -9.92
C ILE A 514 -5.55 -38.89 -10.06
N HIS A 515 -6.07 -37.85 -9.40
CA HIS A 515 -7.51 -37.47 -9.53
C HIS A 515 -7.81 -36.96 -10.94
N ARG A 516 -6.99 -36.06 -11.52
CA ARG A 516 -7.38 -35.25 -12.73
C ARG A 516 -6.69 -35.77 -13.98
N LYS A 517 -5.71 -36.65 -13.81
CA LYS A 517 -4.98 -37.27 -14.95
C LYS A 517 -4.49 -36.15 -15.89
N SER A 518 -3.98 -35.07 -15.31
CA SER A 518 -3.30 -33.99 -16.06
C SER A 518 -2.36 -33.32 -15.07
N LYS A 519 -1.06 -33.37 -15.34
CA LYS A 519 -0.09 -32.70 -14.44
C LYS A 519 -0.34 -31.18 -14.44
N GLU A 520 -0.60 -30.54 -15.59
CA GLU A 520 -0.63 -29.05 -15.64
C GLU A 520 -1.87 -28.58 -14.84
N VAL A 521 -2.97 -29.34 -14.86
CA VAL A 521 -4.19 -28.96 -14.10
C VAL A 521 -3.98 -29.20 -12.60
N ALA A 522 -3.29 -30.28 -12.21
CA ALA A 522 -3.03 -30.61 -10.79
C ALA A 522 -2.08 -29.56 -10.16
N TRP A 523 -1.09 -29.09 -10.93
CA TRP A 523 -0.21 -27.95 -10.55
C TRP A 523 -1.09 -26.74 -10.19
N ASN A 524 -1.97 -26.34 -11.09
CA ASN A 524 -2.88 -25.19 -10.84
C ASN A 524 -3.58 -25.42 -9.49
N LEU A 525 -4.17 -26.60 -9.28
CA LEU A 525 -5.07 -26.89 -8.13
C LEU A 525 -4.23 -27.08 -6.87
N THR A 526 -2.91 -27.00 -6.97
CA THR A 526 -2.00 -27.10 -5.78
C THR A 526 -1.23 -25.77 -5.63
N SER A 527 -1.47 -24.79 -6.51
CA SER A 527 -0.55 -23.65 -6.70
C SER A 527 -0.54 -22.78 -5.42
N VAL A 528 -1.64 -22.70 -4.69
CA VAL A 528 -1.65 -21.92 -3.43
C VAL A 528 -0.70 -22.61 -2.43
N ASP A 529 -0.72 -23.93 -2.30
CA ASP A 529 0.14 -24.71 -1.36
C ASP A 529 1.63 -24.58 -1.74
N LEU A 530 1.86 -24.55 -3.03
CA LEU A 530 3.20 -24.54 -3.68
C LEU A 530 3.86 -23.18 -3.41
N VAL A 531 3.09 -22.10 -3.56
CA VAL A 531 3.55 -20.74 -3.18
C VAL A 531 3.83 -20.71 -1.66
N ARG A 532 2.99 -21.39 -0.86
CA ARG A 532 3.19 -21.43 0.61
C ARG A 532 4.52 -22.12 0.95
N ALA A 533 4.88 -23.19 0.22
CA ALA A 533 6.14 -23.95 0.36
C ALA A 533 7.31 -23.06 -0.02
N SER A 534 7.22 -22.31 -1.12
CA SER A 534 8.35 -21.40 -1.52
C SER A 534 8.52 -20.28 -0.49
N GLU A 535 7.42 -19.69 -0.06
CA GLU A 535 7.44 -18.61 0.96
C GLU A 535 8.24 -19.11 2.17
N ALA A 536 7.87 -20.28 2.71
CA ALA A 536 8.45 -20.83 3.94
C ALA A 536 9.94 -21.13 3.70
N HIS A 537 10.22 -21.67 2.52
CA HIS A 537 11.60 -22.00 2.08
C HIS A 537 12.38 -20.69 2.13
N CYS A 538 11.90 -19.66 1.43
CA CYS A 538 12.64 -18.37 1.34
C CYS A 538 12.77 -17.78 2.76
N HIS A 539 11.77 -17.96 3.61
CA HIS A 539 11.78 -17.37 4.95
C HIS A 539 12.93 -18.04 5.69
N TYR A 540 12.97 -19.38 5.63
CA TYR A 540 14.08 -20.21 6.21
C TYR A 540 15.46 -19.69 5.72
N VAL A 541 15.64 -19.55 4.42
CA VAL A 541 16.93 -19.10 3.85
C VAL A 541 17.30 -17.75 4.49
N VAL A 542 16.36 -16.83 4.63
CA VAL A 542 16.70 -15.49 5.21
C VAL A 542 17.20 -15.68 6.65
N VAL A 543 16.46 -16.39 7.49
CA VAL A 543 16.85 -16.65 8.90
C VAL A 543 18.26 -17.28 8.96
N LYS A 544 18.52 -18.31 8.11
CA LYS A 544 19.83 -19.06 7.96
C LYS A 544 20.96 -18.06 7.68
N LEU A 545 20.81 -17.21 6.67
CA LEU A 545 21.85 -16.25 6.24
C LEU A 545 22.09 -15.17 7.30
N PHE A 546 21.04 -14.64 7.90
CA PHE A 546 21.21 -13.63 8.98
C PHE A 546 22.00 -14.31 10.12
N SER A 547 21.55 -15.49 10.50
CA SER A 547 22.19 -16.27 11.60
C SER A 547 23.67 -16.47 11.25
N GLU A 548 23.97 -16.82 10.01
CA GLU A 548 25.37 -17.16 9.63
C GLU A 548 26.19 -15.88 9.54
N LYS A 549 25.58 -14.75 9.17
CA LYS A 549 26.29 -13.44 9.11
C LYS A 549 26.82 -13.05 10.50
N LEU A 550 26.08 -13.35 11.56
CA LEU A 550 26.41 -12.92 12.94
C LEU A 550 27.77 -13.46 13.36
N LEU A 551 28.13 -14.64 12.88
CA LEU A 551 29.40 -15.29 13.28
C LEU A 551 30.59 -14.67 12.53
N LYS A 552 30.39 -13.87 11.50
CA LYS A 552 31.48 -13.13 10.81
C LYS A 552 31.65 -11.69 11.36
N ILE A 553 30.80 -11.21 12.27
CA ILE A 553 30.93 -9.82 12.80
C ILE A 553 32.05 -9.80 13.85
N GLN A 554 33.09 -9.01 13.56
CA GLN A 554 34.32 -8.78 14.38
C GLN A 554 33.96 -7.96 15.62
N ASP A 555 33.44 -6.73 15.44
CA ASP A 555 33.09 -5.86 16.57
C ASP A 555 32.04 -6.54 17.47
N LYS A 556 32.35 -6.73 18.75
CA LYS A 556 31.51 -7.56 19.66
C LYS A 556 30.18 -6.83 19.87
N ALA A 557 30.21 -5.50 19.93
CA ALA A 557 29.06 -4.68 20.39
C ALA A 557 28.01 -4.65 19.29
N ILE A 558 28.49 -4.60 18.04
CA ILE A 558 27.74 -4.65 16.78
C ILE A 558 27.13 -6.04 16.66
N GLN A 559 27.96 -7.07 16.86
CA GLN A 559 27.52 -8.47 16.80
C GLN A 559 26.37 -8.67 17.79
N ALA A 560 26.48 -8.07 18.98
CA ALA A 560 25.48 -8.29 20.04
C ALA A 560 24.13 -7.65 19.60
N VAL A 561 24.15 -6.46 19.02
CA VAL A 561 22.90 -5.78 18.60
C VAL A 561 22.33 -6.43 17.33
N LEU A 562 23.16 -6.74 16.32
CA LEU A 562 22.72 -7.53 15.14
C LEU A 562 22.17 -8.88 15.63
N ARG A 563 22.76 -9.45 16.67
CA ARG A 563 22.21 -10.68 17.27
C ARG A 563 20.78 -10.40 17.71
N SER A 564 20.55 -9.35 18.51
CA SER A 564 19.17 -8.94 18.95
C SER A 564 18.20 -8.78 17.76
N LEU A 565 18.63 -8.15 16.66
CA LEU A 565 17.84 -8.00 15.43
C LEU A 565 17.53 -9.36 14.80
N CYS A 566 18.49 -10.28 14.74
CA CYS A 566 18.35 -11.60 14.15
C CYS A 566 17.32 -12.39 14.99
N LEU A 567 17.45 -12.34 16.31
CA LEU A 567 16.50 -13.02 17.20
C LEU A 567 15.12 -12.40 17.02
N LEU A 568 15.04 -11.06 16.95
CA LEU A 568 13.72 -10.38 16.78
C LEU A 568 13.08 -10.81 15.44
N TYR A 569 13.87 -10.91 14.35
CA TYR A 569 13.39 -11.32 13.00
C TYR A 569 12.74 -12.72 13.13
N SER A 570 13.51 -13.63 13.70
CA SER A 570 13.21 -15.06 13.82
C SER A 570 11.97 -15.23 14.70
N LEU A 571 11.97 -14.64 15.87
CA LEU A 571 10.90 -14.85 16.88
C LEU A 571 9.62 -14.15 16.41
N TYR A 572 9.71 -12.96 15.79
CA TYR A 572 8.51 -12.26 15.21
C TYR A 572 7.88 -13.17 14.15
N GLY A 573 8.71 -13.78 13.29
CA GLY A 573 8.22 -14.67 12.22
C GLY A 573 7.47 -15.89 12.77
N ILE A 574 7.95 -16.43 13.89
CA ILE A 574 7.26 -17.57 14.57
C ILE A 574 5.91 -17.07 15.13
N SER A 575 5.96 -15.98 15.89
CA SER A 575 4.79 -15.30 16.50
C SER A 575 3.70 -15.09 15.43
N GLN A 576 4.09 -14.62 14.25
CA GLN A 576 3.19 -14.23 13.16
C GLN A 576 2.69 -15.47 12.41
N ASN A 577 3.32 -16.64 12.58
CA ASN A 577 3.06 -17.87 11.81
C ASN A 577 2.99 -19.04 12.78
N ALA A 578 2.45 -18.84 13.98
CA ALA A 578 2.57 -19.81 15.12
C ALA A 578 2.04 -21.17 14.66
N GLY A 579 0.96 -21.14 13.85
CA GLY A 579 0.28 -22.30 13.22
C GLY A 579 1.22 -23.16 12.40
N ASP A 580 2.23 -22.58 11.72
CA ASP A 580 3.15 -23.37 10.86
C ASP A 580 4.21 -24.07 11.72
N PHE A 581 4.36 -23.63 12.97
CA PHE A 581 5.31 -24.21 13.95
C PHE A 581 4.58 -25.16 14.92
N LEU A 582 3.30 -24.91 15.20
CA LEU A 582 2.49 -25.72 16.14
C LEU A 582 2.17 -27.07 15.46
N GLN A 583 1.89 -27.06 14.16
CA GLN A 583 1.57 -28.29 13.40
C GLN A 583 2.89 -28.99 13.11
N GLY A 584 2.84 -30.32 13.04
CA GLY A 584 4.02 -31.22 12.97
C GLY A 584 4.89 -31.22 14.24
N SER A 585 4.39 -30.73 15.38
CA SER A 585 5.05 -30.75 16.71
C SER A 585 6.44 -30.09 16.71
N ILE A 586 6.68 -29.10 15.83
CA ILE A 586 7.98 -28.38 15.81
C ILE A 586 8.08 -27.53 17.09
N MET A 587 6.99 -26.93 17.55
CA MET A 587 7.02 -26.21 18.84
C MET A 587 5.69 -26.44 19.49
N THR A 588 5.59 -26.20 20.79
CA THR A 588 4.37 -26.38 21.59
C THR A 588 3.75 -25.02 21.89
N GLU A 589 2.49 -25.04 22.28
CA GLU A 589 1.80 -23.83 22.77
C GLU A 589 2.66 -23.11 23.82
N PRO A 590 3.15 -23.75 24.93
CA PRO A 590 3.99 -23.02 25.88
C PRO A 590 5.24 -22.39 25.25
N GLN A 591 5.81 -22.99 24.20
CA GLN A 591 6.98 -22.35 23.53
C GLN A 591 6.53 -21.08 22.78
N ILE A 592 5.33 -21.08 22.19
CA ILE A 592 4.79 -19.89 21.47
C ILE A 592 4.60 -18.80 22.54
N THR A 593 4.12 -19.18 23.73
CA THR A 593 3.90 -18.22 24.85
C THR A 593 5.23 -17.50 25.15
N GLN A 594 6.33 -18.24 25.22
CA GLN A 594 7.69 -17.73 25.56
C GLN A 594 8.25 -16.91 24.40
N VAL A 595 7.99 -17.36 23.17
CA VAL A 595 8.42 -16.62 21.96
C VAL A 595 7.83 -15.22 22.10
N ASN A 596 6.55 -15.14 22.46
CA ASN A 596 5.79 -13.87 22.52
C ASN A 596 6.35 -12.99 23.65
N GLN A 597 6.75 -13.61 24.78
CA GLN A 597 7.36 -12.87 25.92
C GLN A 597 8.71 -12.31 25.46
N ARG A 598 9.49 -13.12 24.73
CA ARG A 598 10.87 -12.73 24.31
C ARG A 598 10.84 -11.60 23.26
N VAL A 599 9.84 -11.58 22.40
CA VAL A 599 9.73 -10.51 21.35
C VAL A 599 9.53 -9.20 22.09
N LYS A 600 8.69 -9.19 23.11
CA LYS A 600 8.37 -8.01 23.95
C LYS A 600 9.62 -7.54 24.63
N GLU A 601 10.46 -8.49 25.08
CA GLU A 601 11.75 -8.18 25.75
C GLU A 601 12.72 -7.59 24.69
N LEU A 602 12.78 -8.15 23.49
CA LEU A 602 13.77 -7.63 22.50
C LEU A 602 13.34 -6.23 22.05
N LEU A 603 12.03 -5.95 21.97
CA LEU A 603 11.62 -4.56 21.61
C LEU A 603 12.28 -3.58 22.58
N THR A 604 12.19 -3.86 23.88
CA THR A 604 12.66 -2.95 24.97
C THR A 604 14.18 -2.80 24.87
N LEU A 605 14.91 -3.90 24.65
CA LEU A 605 16.36 -3.89 24.44
C LEU A 605 16.74 -3.08 23.19
N ILE A 606 16.01 -3.21 22.07
CA ILE A 606 16.38 -2.55 20.78
C ILE A 606 16.09 -1.04 20.86
N ARG A 607 15.15 -0.61 21.71
CA ARG A 607 14.65 0.80 21.82
C ARG A 607 15.82 1.79 21.95
N SER A 608 16.79 1.49 22.83
CA SER A 608 17.96 2.38 23.10
C SER A 608 18.99 2.35 21.95
N ASP A 609 18.90 1.41 21.00
CA ASP A 609 19.82 1.36 19.83
C ASP A 609 19.16 1.75 18.48
N ALA A 610 17.84 1.96 18.45
CA ALA A 610 17.07 2.01 17.19
C ALA A 610 17.52 3.22 16.38
N VAL A 611 17.69 4.36 17.01
CA VAL A 611 18.12 5.55 16.21
C VAL A 611 19.48 5.26 15.60
N ALA A 612 20.46 4.72 16.36
CA ALA A 612 21.83 4.44 15.85
C ALA A 612 21.75 3.44 14.69
N LEU A 613 20.89 2.44 14.84
CA LEU A 613 20.77 1.35 13.83
C LEU A 613 20.37 1.96 12.49
N VAL A 614 19.50 2.97 12.49
CA VAL A 614 19.00 3.56 11.22
C VAL A 614 20.05 4.57 10.72
N ASP A 615 20.75 5.29 11.61
CA ASP A 615 21.89 6.19 11.25
C ASP A 615 22.98 5.42 10.44
N ALA A 616 23.20 4.16 10.80
CA ALA A 616 24.23 3.29 10.22
C ALA A 616 23.93 2.96 8.75
N PHE A 617 22.68 3.18 8.28
CA PHE A 617 22.35 3.01 6.83
C PHE A 617 23.01 4.19 6.07
N ASP A 618 23.29 5.30 6.75
CA ASP A 618 24.09 6.43 6.18
C ASP A 618 23.38 7.08 4.98
N PHE A 619 22.05 7.16 5.01
CA PHE A 619 21.24 7.92 4.01
C PHE A 619 21.41 9.40 4.30
N GLN A 620 21.69 10.18 3.28
CA GLN A 620 21.72 11.64 3.45
C GLN A 620 20.28 12.13 3.43
N ASP A 621 20.02 13.29 4.03
CA ASP A 621 18.67 13.94 4.01
C ASP A 621 18.12 13.94 2.58
N VAL A 622 18.91 14.30 1.57
CA VAL A 622 18.36 14.47 0.21
C VAL A 622 18.04 13.10 -0.40
N THR A 623 18.71 12.02 0.02
CA THR A 623 18.33 10.64 -0.41
C THR A 623 16.97 10.20 0.23
N LEU A 624 16.66 10.59 1.47
CA LEU A 624 15.40 10.24 2.17
C LEU A 624 14.26 11.14 1.68
N GLY A 625 14.53 12.40 1.31
CA GLY A 625 13.51 13.33 0.78
C GLY A 625 12.40 13.58 1.80
N SER A 626 12.78 13.72 3.08
CA SER A 626 11.87 13.58 4.25
C SER A 626 12.18 14.67 5.25
N VAL A 627 11.23 15.56 5.47
CA VAL A 627 11.28 16.51 6.61
C VAL A 627 11.15 15.68 7.90
N LEU A 628 10.25 14.69 7.97
CA LEU A 628 10.05 13.96 9.26
C LEU A 628 11.34 13.22 9.67
N GLY A 629 12.11 12.74 8.70
CA GLY A 629 13.20 11.75 8.92
C GLY A 629 14.59 12.39 8.80
N ARG A 630 14.64 13.71 8.79
CA ARG A 630 15.96 14.43 8.74
C ARG A 630 16.88 13.94 9.84
N TYR A 631 18.19 13.86 9.54
CA TYR A 631 19.29 13.51 10.49
C TYR A 631 19.16 14.34 11.78
N ASP A 632 18.99 15.65 11.65
CA ASP A 632 19.10 16.58 12.80
C ASP A 632 17.81 16.56 13.62
N GLY A 633 16.74 15.87 13.20
CA GLY A 633 15.48 15.84 13.98
C GLY A 633 14.77 17.19 14.05
N ASN A 634 15.14 18.20 13.25
CA ASN A 634 14.47 19.52 13.26
C ASN A 634 13.29 19.42 12.29
N VAL A 635 12.20 18.84 12.75
CA VAL A 635 11.02 18.53 11.86
C VAL A 635 10.16 19.78 11.73
N TYR A 636 9.68 20.31 12.86
CA TYR A 636 8.49 21.18 12.85
C TYR A 636 8.74 22.52 12.15
N GLU A 637 9.83 23.21 12.45
CA GLU A 637 10.17 24.51 11.79
C GLU A 637 10.37 24.29 10.29
N ASN A 638 11.03 23.19 9.91
CA ASN A 638 11.27 22.80 8.50
C ASN A 638 9.95 22.46 7.80
N LEU A 639 9.06 21.72 8.48
CA LEU A 639 7.73 21.38 7.94
C LEU A 639 7.01 22.67 7.60
N PHE A 640 6.97 23.65 8.49
CA PHE A 640 6.17 24.89 8.26
C PHE A 640 6.73 25.62 7.00
N GLU A 641 8.07 25.69 6.85
CA GLU A 641 8.77 26.33 5.69
C GLU A 641 8.38 25.61 4.42
N TRP A 642 8.50 24.28 4.44
CA TRP A 642 8.16 23.41 3.29
C TRP A 642 6.76 23.74 2.74
N ALA A 643 5.75 23.75 3.63
CA ALA A 643 4.33 23.97 3.28
C ALA A 643 4.18 25.41 2.75
N LYS A 644 4.69 26.40 3.47
CA LYS A 644 4.58 27.83 3.11
C LYS A 644 5.10 28.04 1.69
N ASN A 645 6.13 27.29 1.28
CA ASN A 645 6.73 27.49 -0.06
C ASN A 645 6.04 26.63 -1.11
N SER A 646 5.01 25.86 -0.74
CA SER A 646 4.39 24.89 -1.68
C SER A 646 3.46 25.64 -2.63
N PRO A 647 3.21 25.11 -3.86
CA PRO A 647 2.52 25.83 -4.93
C PRO A 647 1.20 26.56 -4.67
N LEU A 648 0.24 25.95 -3.98
CA LEU A 648 -1.08 26.59 -3.78
C LEU A 648 -0.94 27.87 -2.91
N ASN A 649 0.24 28.15 -2.37
CA ASN A 649 0.51 29.37 -1.56
C ASN A 649 1.34 30.37 -2.37
N LYS A 650 1.25 30.30 -3.70
CA LYS A 650 1.79 31.34 -4.61
C LYS A 650 0.83 32.53 -4.56
N ALA A 651 -0.44 32.25 -4.24
CA ALA A 651 -1.52 33.27 -4.04
C ALA A 651 -2.34 32.90 -2.79
N GLU A 652 -2.91 33.92 -2.13
CA GLU A 652 -3.76 33.75 -0.91
C GLU A 652 -5.18 33.32 -1.31
N VAL A 653 -5.70 33.90 -2.39
CA VAL A 653 -7.04 33.60 -2.96
C VAL A 653 -6.87 32.86 -4.30
N HIS A 654 -7.26 31.58 -4.37
CA HIS A 654 -7.34 30.77 -5.62
C HIS A 654 -8.75 30.89 -6.24
N MET B 8 -20.23 -6.06 -26.02
CA MET B 8 -19.78 -6.63 -24.70
C MET B 8 -18.68 -7.67 -25.00
N ASN B 9 -17.62 -7.73 -24.19
CA ASN B 9 -16.56 -8.76 -24.33
C ASN B 9 -17.17 -10.15 -24.08
N PRO B 10 -16.95 -11.15 -24.98
CA PRO B 10 -17.62 -12.45 -24.88
C PRO B 10 -17.29 -13.26 -23.64
N ASP B 11 -16.10 -13.08 -23.09
CA ASP B 11 -15.78 -13.64 -21.73
C ASP B 11 -16.74 -13.08 -20.68
N LEU B 12 -16.97 -11.78 -20.68
CA LEU B 12 -17.89 -11.22 -19.66
C LEU B 12 -19.33 -11.68 -19.96
N ARG B 13 -19.80 -11.63 -21.21
CA ARG B 13 -21.20 -12.05 -21.47
C ARG B 13 -21.35 -13.48 -20.96
N ARG B 14 -20.38 -14.36 -21.24
CA ARG B 14 -20.47 -15.79 -20.87
C ARG B 14 -20.52 -15.95 -19.34
N GLU B 15 -19.63 -15.22 -18.66
CA GLU B 15 -19.54 -15.21 -17.16
C GLU B 15 -20.90 -14.78 -16.62
N ARG B 16 -21.46 -13.72 -17.18
CA ARG B 16 -22.77 -13.21 -16.67
C ARG B 16 -23.88 -14.20 -16.95
N ASP B 17 -23.88 -14.86 -18.13
CA ASP B 17 -24.96 -15.83 -18.50
C ASP B 17 -24.91 -17.06 -17.60
N SER B 18 -23.74 -17.45 -17.11
CA SER B 18 -23.61 -18.72 -16.35
C SER B 18 -23.82 -18.51 -14.83
N ALA B 19 -24.10 -17.29 -14.38
CA ALA B 19 -24.27 -16.99 -12.95
C ALA B 19 -25.47 -17.75 -12.37
N SER B 20 -25.45 -18.09 -11.08
CA SER B 20 -26.49 -18.88 -10.40
C SER B 20 -27.59 -18.03 -9.75
N PHE B 21 -27.62 -16.72 -9.95
CA PHE B 21 -28.45 -15.80 -9.16
C PHE B 21 -28.67 -14.55 -9.99
N ASN B 22 -29.60 -13.72 -9.57
CA ASN B 22 -29.93 -12.46 -10.28
C ASN B 22 -29.22 -11.32 -9.56
N PRO B 23 -28.14 -10.74 -10.12
CA PRO B 23 -27.42 -9.66 -9.45
C PRO B 23 -28.32 -8.45 -9.12
N GLU B 24 -29.34 -8.24 -9.95
CA GLU B 24 -30.31 -7.13 -9.74
C GLU B 24 -30.90 -7.27 -8.34
N LEU B 25 -31.35 -8.47 -7.98
CA LEU B 25 -31.96 -8.70 -6.66
C LEU B 25 -30.92 -8.46 -5.55
N LEU B 26 -29.63 -8.74 -5.77
CA LEU B 26 -28.56 -8.58 -4.75
C LEU B 26 -28.30 -7.09 -4.56
N THR B 27 -28.27 -6.30 -5.62
CA THR B 27 -28.19 -4.82 -5.50
C THR B 27 -29.31 -4.28 -4.58
N HIS B 28 -30.52 -4.82 -4.69
CA HIS B 28 -31.65 -4.37 -3.84
C HIS B 28 -31.29 -4.67 -2.38
N ILE B 29 -30.82 -5.88 -2.09
CA ILE B 29 -30.38 -6.26 -0.73
C ILE B 29 -29.32 -5.25 -0.25
N LEU B 30 -28.33 -4.91 -1.08
CA LEU B 30 -27.22 -4.01 -0.67
C LEU B 30 -27.74 -2.59 -0.45
N ASP B 31 -28.64 -2.10 -1.32
CA ASP B 31 -29.20 -0.75 -1.17
C ASP B 31 -30.17 -0.73 0.03
N GLY B 32 -30.81 -1.87 0.38
CA GLY B 32 -31.83 -1.95 1.44
C GLY B 32 -33.27 -2.21 0.98
N SER B 33 -33.61 -1.92 -0.29
CA SER B 33 -34.94 -2.09 -0.96
C SER B 33 -34.84 -1.73 -2.45
N PRO B 34 -35.75 -2.29 -3.26
CA PRO B 34 -35.85 -1.98 -4.68
C PRO B 34 -35.99 -0.46 -4.92
N GLU B 35 -36.75 0.24 -4.09
CA GLU B 35 -37.01 1.68 -4.27
C GLU B 35 -35.74 2.49 -4.01
N LYS B 36 -34.95 2.11 -2.99
CA LYS B 36 -33.62 2.73 -2.75
C LYS B 36 -32.67 2.53 -3.96
N THR B 37 -32.63 1.33 -4.54
CA THR B 37 -31.96 1.12 -5.86
C THR B 37 -32.48 2.08 -6.92
N ARG B 38 -33.79 2.14 -7.13
CA ARG B 38 -34.38 3.02 -8.17
C ARG B 38 -34.00 4.48 -7.88
N ARG B 39 -34.14 4.90 -6.63
CA ARG B 39 -33.91 6.31 -6.25
C ARG B 39 -32.44 6.63 -6.47
N ARG B 40 -31.55 5.72 -6.10
CA ARG B 40 -30.09 5.97 -6.26
C ARG B 40 -29.77 6.06 -7.75
N ARG B 41 -30.29 5.10 -8.52
CA ARG B 41 -30.01 5.09 -10.00
C ARG B 41 -30.57 6.36 -10.63
N GLU B 42 -31.70 6.86 -10.14
CA GLU B 42 -32.32 8.08 -10.72
C GLU B 42 -31.41 9.29 -10.49
N ILE B 43 -30.89 9.43 -9.27
CA ILE B 43 -29.95 10.51 -8.89
C ILE B 43 -28.67 10.39 -9.71
N GLU B 44 -28.07 9.21 -9.75
CA GLU B 44 -26.81 9.06 -10.58
C GLU B 44 -27.16 9.39 -12.06
N ASN B 45 -28.32 8.98 -12.57
CA ASN B 45 -28.65 9.17 -14.01
C ASN B 45 -29.01 10.64 -14.29
N MET B 46 -29.41 11.39 -13.27
CA MET B 46 -29.53 12.88 -13.29
C MET B 46 -28.20 13.53 -13.62
N ILE B 47 -27.10 12.92 -13.19
CA ILE B 47 -25.74 13.54 -13.19
C ILE B 47 -24.95 13.02 -14.40
N LEU B 48 -25.09 11.74 -14.74
CA LEU B 48 -24.15 11.03 -15.66
C LEU B 48 -23.90 11.82 -16.96
N ASN B 49 -24.91 12.48 -17.55
CA ASN B 49 -24.80 13.16 -18.87
C ASN B 49 -24.89 14.68 -18.67
N ASP B 50 -24.70 15.17 -17.46
CA ASP B 50 -24.75 16.63 -17.22
C ASP B 50 -23.37 17.17 -17.53
N PRO B 51 -23.26 18.09 -18.52
CA PRO B 51 -21.96 18.64 -18.93
C PRO B 51 -21.23 19.39 -17.78
N ASP B 52 -21.98 20.02 -16.89
CA ASP B 52 -21.47 20.73 -15.67
C ASP B 52 -20.62 19.81 -14.77
N PHE B 53 -20.79 18.48 -14.90
CA PHE B 53 -20.11 17.44 -14.07
C PHE B 53 -19.10 16.66 -14.92
N GLN B 54 -18.78 17.18 -16.10
CA GLN B 54 -17.76 16.58 -17.01
C GLN B 54 -16.50 17.47 -17.03
N HIS B 55 -15.33 16.87 -17.23
CA HIS B 55 -14.00 17.52 -17.15
C HIS B 55 -12.98 16.56 -17.74
N GLU B 56 -11.77 17.07 -18.01
CA GLU B 56 -10.60 16.24 -18.45
C GLU B 56 -10.32 15.16 -17.37
N ASP B 57 -9.70 14.02 -17.70
CA ASP B 57 -9.25 13.00 -16.71
C ASP B 57 -8.33 13.66 -15.67
N LEU B 58 -8.64 13.47 -14.39
CA LEU B 58 -8.03 14.25 -13.26
C LEU B 58 -6.54 13.89 -13.11
N ASN B 59 -6.13 12.70 -13.57
CA ASN B 59 -4.71 12.19 -13.57
C ASN B 59 -3.83 12.93 -14.59
N PHE B 60 -4.45 13.65 -15.53
CA PHE B 60 -3.77 14.44 -16.59
C PHE B 60 -3.49 15.87 -16.11
N LEU B 61 -4.13 16.31 -15.02
CA LEU B 61 -4.08 17.73 -14.57
C LEU B 61 -3.07 17.93 -13.42
N THR B 62 -2.58 19.15 -13.27
CA THR B 62 -1.84 19.63 -12.08
C THR B 62 -2.74 19.51 -10.86
N ARG B 63 -2.13 19.66 -9.67
CA ARG B 63 -2.91 19.67 -8.41
C ARG B 63 -3.75 20.93 -8.34
N SER B 64 -3.17 22.06 -8.75
CA SER B 64 -3.96 23.32 -8.74
C SER B 64 -5.24 23.13 -9.56
N GLN B 65 -5.12 22.59 -10.78
CA GLN B 65 -6.26 22.43 -11.71
C GLN B 65 -7.28 21.48 -11.09
N ARG B 66 -6.80 20.42 -10.46
CA ARG B 66 -7.69 19.38 -9.87
C ARG B 66 -8.53 20.03 -8.78
N TYR B 67 -7.89 20.90 -7.96
CA TYR B 67 -8.53 21.66 -6.88
C TYR B 67 -9.59 22.56 -7.54
N GLU B 68 -9.23 23.29 -8.59
CA GLU B 68 -10.21 24.17 -9.27
C GLU B 68 -11.41 23.35 -9.76
N VAL B 69 -11.15 22.26 -10.47
CA VAL B 69 -12.23 21.38 -11.02
C VAL B 69 -13.15 20.96 -9.86
N ALA B 70 -12.57 20.45 -8.77
CA ALA B 70 -13.37 19.88 -7.66
C ALA B 70 -14.17 20.97 -6.97
N VAL B 71 -13.60 22.16 -6.75
CA VAL B 71 -14.34 23.24 -6.03
C VAL B 71 -15.53 23.67 -6.91
N ARG B 72 -15.33 23.78 -8.21
CA ARG B 72 -16.39 24.20 -9.14
C ARG B 72 -17.52 23.17 -9.10
N LYS B 73 -17.19 21.87 -9.11
CA LYS B 73 -18.21 20.78 -9.16
C LYS B 73 -19.00 20.84 -7.87
N SER B 74 -18.33 21.09 -6.75
CA SER B 74 -18.99 21.07 -5.43
C SER B 74 -19.97 22.24 -5.37
N ALA B 75 -19.65 23.37 -6.01
CA ALA B 75 -20.59 24.52 -6.02
C ALA B 75 -21.85 24.21 -6.86
N ILE B 76 -21.69 23.86 -8.15
CA ILE B 76 -22.81 23.58 -9.12
C ILE B 76 -23.68 22.51 -8.46
N MET B 77 -22.99 21.60 -7.77
CA MET B 77 -23.69 20.45 -7.17
C MET B 77 -24.53 20.82 -5.95
N VAL B 78 -24.10 21.82 -5.20
CA VAL B 78 -24.93 22.36 -4.10
C VAL B 78 -26.18 23.03 -4.71
N LYS B 79 -25.96 23.82 -5.76
CA LYS B 79 -27.03 24.49 -6.54
C LYS B 79 -27.99 23.43 -7.10
N LYS B 80 -27.48 22.46 -7.90
CA LYS B 80 -28.32 21.43 -8.58
C LYS B 80 -29.09 20.62 -7.56
N MET B 81 -28.48 20.21 -6.45
CA MET B 81 -29.22 19.38 -5.47
C MET B 81 -30.43 20.16 -4.97
N ARG B 82 -30.29 21.47 -4.87
CA ARG B 82 -31.40 22.32 -4.38
C ARG B 82 -32.46 22.47 -5.49
N GLU B 83 -32.06 22.78 -6.73
CA GLU B 83 -32.97 22.85 -7.91
C GLU B 83 -33.85 21.59 -7.96
N PHE B 84 -33.23 20.40 -7.98
CA PHE B 84 -33.93 19.09 -8.03
C PHE B 84 -34.53 18.72 -6.66
N GLY B 85 -34.43 19.60 -5.66
CA GLY B 85 -35.07 19.44 -4.33
C GLY B 85 -34.64 18.17 -3.62
N ILE B 86 -33.37 17.79 -3.74
CA ILE B 86 -32.79 16.60 -3.03
C ILE B 86 -32.34 17.07 -1.63
N ALA B 87 -32.78 16.35 -0.60
CA ALA B 87 -32.82 16.87 0.79
C ALA B 87 -32.74 15.75 1.82
N ASP B 88 -33.12 14.52 1.46
CA ASP B 88 -32.87 13.33 2.29
C ASP B 88 -31.36 13.11 2.44
N PRO B 89 -30.84 12.75 3.64
CA PRO B 89 -29.40 12.60 3.83
C PRO B 89 -28.79 11.47 2.96
N ASP B 90 -29.46 10.33 2.86
CA ASP B 90 -29.04 9.27 1.90
C ASP B 90 -28.91 9.83 0.48
N GLU B 91 -29.88 10.60 0.02
CA GLU B 91 -29.92 11.04 -1.39
C GLU B 91 -28.79 12.02 -1.62
N ILE B 92 -28.52 12.88 -0.67
CA ILE B 92 -27.45 13.91 -0.83
C ILE B 92 -26.13 13.16 -1.06
N MET B 93 -26.00 12.04 -0.37
CA MET B 93 -24.76 11.22 -0.40
C MET B 93 -24.66 10.41 -1.71
N TRP B 94 -25.78 9.83 -2.16
CA TRP B 94 -25.87 9.26 -3.53
C TRP B 94 -25.40 10.32 -4.54
N PHE B 95 -25.87 11.54 -4.41
CA PHE B 95 -25.58 12.61 -5.40
C PHE B 95 -24.08 12.98 -5.30
N LYS B 96 -23.62 13.32 -4.09
CA LYS B 96 -22.20 13.70 -3.77
C LYS B 96 -21.24 12.60 -4.26
N ASN B 97 -21.43 11.36 -3.81
CA ASN B 97 -20.63 10.20 -4.30
C ASN B 97 -20.48 10.28 -5.85
N PHE B 98 -21.59 10.23 -6.58
CA PHE B 98 -21.55 10.12 -8.05
C PHE B 98 -20.89 11.38 -8.63
N VAL B 99 -21.16 12.57 -8.10
CA VAL B 99 -20.52 13.78 -8.69
C VAL B 99 -18.99 13.67 -8.60
N HIS B 100 -18.48 13.17 -7.47
CA HIS B 100 -17.03 13.31 -7.14
C HIS B 100 -16.24 12.03 -7.51
N ARG B 101 -16.96 10.96 -7.92
CA ARG B 101 -16.35 9.80 -8.61
C ARG B 101 -15.32 9.12 -7.69
N GLY B 102 -15.59 8.97 -6.38
CA GLY B 102 -14.63 8.43 -5.39
C GLY B 102 -13.64 9.44 -4.77
N ARG B 103 -13.33 10.57 -5.43
CA ARG B 103 -12.41 11.59 -4.89
C ARG B 103 -13.10 12.27 -3.70
N PRO B 104 -12.37 12.74 -2.67
CA PRO B 104 -12.96 13.62 -1.69
C PRO B 104 -13.21 14.98 -2.37
N GLU B 105 -14.04 15.82 -1.73
CA GLU B 105 -14.51 17.08 -2.35
C GLU B 105 -14.33 18.22 -1.35
N PRO B 106 -13.92 19.39 -1.87
CA PRO B 106 -13.52 20.48 -1.01
C PRO B 106 -14.53 21.09 -0.03
N LEU B 107 -15.85 20.88 -0.20
CA LEU B 107 -16.86 21.43 0.76
C LEU B 107 -17.23 20.36 1.76
N ASP B 108 -16.50 19.27 1.80
CA ASP B 108 -16.94 18.18 2.66
C ASP B 108 -17.16 18.70 4.07
N LEU B 109 -16.20 19.48 4.61
CA LEU B 109 -16.25 19.93 6.02
C LEU B 109 -17.35 20.97 6.23
N HIS B 110 -17.63 21.80 5.24
CA HIS B 110 -18.69 22.82 5.29
C HIS B 110 -20.01 22.09 5.46
N LEU B 111 -20.32 21.19 4.51
CA LEU B 111 -21.59 20.42 4.40
C LEU B 111 -21.66 19.33 5.46
N GLY B 112 -20.52 18.76 5.86
CA GLY B 112 -20.46 17.57 6.76
C GLY B 112 -20.26 17.99 8.20
N MET B 113 -19.61 19.14 8.48
CA MET B 113 -19.34 19.55 9.89
C MET B 113 -19.89 20.93 10.19
N PHE B 114 -19.51 21.94 9.44
CA PHE B 114 -19.85 23.34 9.83
C PHE B 114 -21.38 23.51 9.90
N LEU B 115 -22.09 23.23 8.79
CA LEU B 115 -23.58 23.36 8.72
C LEU B 115 -24.26 22.46 9.77
N PRO B 116 -23.98 21.13 9.85
CA PRO B 116 -24.59 20.32 10.92
C PRO B 116 -24.35 20.85 12.33
N THR B 117 -23.12 21.33 12.60
CA THR B 117 -22.72 21.89 13.92
C THR B 117 -23.59 23.11 14.23
N LEU B 118 -23.88 23.95 13.24
CA LEU B 118 -24.70 25.16 13.45
C LEU B 118 -26.13 24.68 13.81
N LEU B 119 -26.70 23.76 13.05
CA LEU B 119 -28.10 23.29 13.25
C LEU B 119 -28.21 22.56 14.59
N HIS B 120 -27.18 21.85 15.08
CA HIS B 120 -27.37 20.91 16.22
C HIS B 120 -26.59 21.27 17.48
N GLN B 121 -25.72 22.26 17.44
CA GLN B 121 -24.83 22.55 18.60
C GLN B 121 -24.81 24.06 18.86
N ALA B 122 -25.24 24.86 17.89
CA ALA B 122 -25.16 26.33 18.01
C ALA B 122 -26.44 26.86 18.68
N THR B 123 -26.32 28.02 19.30
CA THR B 123 -27.48 28.70 19.93
C THR B 123 -28.40 29.21 18.81
N ALA B 124 -29.63 29.60 19.19
CA ALA B 124 -30.57 30.24 18.26
C ALA B 124 -29.93 31.51 17.68
N GLU B 125 -29.34 32.40 18.49
CA GLU B 125 -28.82 33.69 17.95
C GLU B 125 -27.64 33.40 17.04
N GLN B 126 -26.87 32.33 17.33
CA GLN B 126 -25.74 31.89 16.46
C GLN B 126 -26.29 31.46 15.10
N GLN B 127 -27.41 30.72 15.13
CA GLN B 127 -28.09 30.23 13.89
C GLN B 127 -28.58 31.42 13.06
N GLU B 128 -29.19 32.44 13.68
CA GLU B 128 -29.62 33.66 12.94
C GLU B 128 -28.39 34.21 12.23
N ARG B 129 -27.35 34.49 13.00
CA ARG B 129 -26.11 35.14 12.50
C ARG B 129 -25.43 34.30 11.43
N PHE B 130 -25.29 32.99 11.65
CA PHE B 130 -24.39 32.14 10.80
C PHE B 130 -25.11 31.23 9.80
N PHE B 131 -26.28 30.67 10.10
CA PHE B 131 -26.83 29.47 9.41
C PHE B 131 -27.14 29.76 7.92
N MET B 132 -27.94 30.78 7.65
CA MET B 132 -28.36 31.08 6.25
C MET B 132 -27.15 31.49 5.42
N PRO B 133 -26.29 32.42 5.88
CA PRO B 133 -25.10 32.79 5.12
C PRO B 133 -24.24 31.52 4.88
N ALA B 134 -24.28 30.55 5.78
CA ALA B 134 -23.56 29.27 5.58
C ALA B 134 -24.29 28.44 4.52
N TRP B 135 -25.59 28.28 4.68
CA TRP B 135 -26.38 27.51 3.70
C TRP B 135 -26.24 28.16 2.31
N ASN B 136 -26.08 29.47 2.21
CA ASN B 136 -25.97 30.16 0.88
C ASN B 136 -24.53 30.08 0.36
N LEU B 137 -23.57 29.52 1.12
CA LEU B 137 -22.13 29.47 0.73
C LEU B 137 -21.56 30.90 0.71
N GLU B 138 -22.24 31.82 1.37
CA GLU B 138 -21.71 33.16 1.70
C GLU B 138 -20.61 32.96 2.75
N ILE B 139 -20.95 32.30 3.85
CA ILE B 139 -19.98 31.74 4.84
C ILE B 139 -19.62 30.31 4.39
N ILE B 140 -18.32 30.02 4.27
CA ILE B 140 -17.75 28.66 4.02
C ILE B 140 -16.88 28.29 5.21
N GLY B 141 -17.22 27.17 5.82
CA GLY B 141 -16.77 26.72 7.14
C GLY B 141 -15.87 25.50 7.04
N THR B 142 -15.04 25.29 8.05
CA THR B 142 -14.30 24.03 8.23
C THR B 142 -14.21 23.78 9.71
N TYR B 143 -13.59 22.68 10.04
CA TYR B 143 -13.45 22.24 11.43
C TYR B 143 -11.93 22.04 11.64
N ALA B 144 -11.31 22.91 12.42
CA ALA B 144 -9.85 22.95 12.69
C ALA B 144 -9.62 22.46 14.12
N GLN B 145 -9.31 21.16 14.25
CA GLN B 145 -9.03 20.46 15.50
C GLN B 145 -7.52 20.22 15.57
N THR B 146 -6.98 19.45 14.63
CA THR B 146 -5.59 18.94 14.65
C THR B 146 -4.63 20.12 14.52
N GLU B 147 -3.51 20.01 15.22
CA GLU B 147 -2.37 20.91 15.14
C GLU B 147 -1.18 20.13 14.64
N MET B 148 -0.18 20.82 14.15
CA MET B 148 1.07 20.22 13.67
C MET B 148 1.58 19.28 14.76
N GLY B 149 1.41 19.69 16.03
CA GLY B 149 2.01 18.97 17.19
C GLY B 149 1.08 17.93 17.80
N HIS B 150 -0.22 17.98 17.55
CA HIS B 150 -1.16 17.07 18.24
C HIS B 150 -2.28 16.71 17.30
N GLY B 151 -2.64 15.43 17.29
CA GLY B 151 -3.82 14.92 16.57
C GLY B 151 -4.55 13.93 17.46
N THR B 152 -3.90 12.85 17.91
CA THR B 152 -4.52 11.87 18.85
C THR B 152 -4.79 12.51 20.23
N HIS B 153 -3.78 13.12 20.85
CA HIS B 153 -3.91 13.69 22.21
C HIS B 153 -4.44 15.12 22.16
N LEU B 154 -5.75 15.26 22.16
CA LEU B 154 -6.39 16.59 22.07
C LEU B 154 -6.12 17.37 23.33
N ARG B 155 -5.92 16.71 24.48
CA ARG B 155 -5.60 17.42 25.74
C ARG B 155 -4.29 18.19 25.61
N GLY B 156 -3.34 17.74 24.77
CA GLY B 156 -2.12 18.48 24.50
C GLY B 156 -2.26 19.53 23.41
N LEU B 157 -3.44 19.81 22.87
CA LEU B 157 -3.64 20.92 21.90
C LEU B 157 -3.19 22.19 22.59
N GLU B 158 -2.49 23.03 21.85
CA GLU B 158 -1.83 24.25 22.37
C GLU B 158 -2.67 25.50 22.06
N THR B 159 -3.58 25.44 21.07
CA THR B 159 -4.37 26.65 20.72
C THR B 159 -5.09 27.10 22.00
N THR B 160 -5.10 28.40 22.29
CA THR B 160 -5.83 28.96 23.47
C THR B 160 -6.97 29.88 23.01
N ALA B 161 -8.03 29.87 23.80
CA ALA B 161 -9.15 30.84 23.74
C ALA B 161 -9.20 31.56 25.09
N THR B 162 -8.66 32.77 25.15
CA THR B 162 -8.56 33.47 26.45
C THR B 162 -9.69 34.51 26.48
N TYR B 163 -10.50 34.44 27.52
CA TYR B 163 -11.63 35.38 27.70
C TYR B 163 -11.09 36.74 28.22
N ASP B 164 -11.51 37.79 27.52
CA ASP B 164 -11.25 39.21 27.86
C ASP B 164 -12.55 39.88 28.33
N PRO B 165 -12.75 40.04 29.67
CA PRO B 165 -13.98 40.64 30.21
C PRO B 165 -14.19 42.15 29.91
N GLU B 166 -13.12 42.90 29.69
CA GLU B 166 -13.15 44.33 29.34
C GLU B 166 -13.91 44.53 28.00
N THR B 167 -13.68 43.68 26.99
CA THR B 167 -14.29 43.80 25.64
C THR B 167 -15.32 42.69 25.35
N GLN B 168 -15.47 41.71 26.24
CA GLN B 168 -16.35 40.51 26.06
C GLN B 168 -16.02 39.81 24.73
N GLU B 169 -14.74 39.50 24.54
CA GLU B 169 -14.25 38.73 23.37
C GLU B 169 -13.50 37.51 23.88
N PHE B 170 -13.31 36.53 23.01
CA PHE B 170 -12.27 35.48 23.15
C PHE B 170 -11.13 35.88 22.26
N ILE B 171 -9.93 35.73 22.81
CA ILE B 171 -8.65 35.96 22.07
C ILE B 171 -8.08 34.58 21.71
N LEU B 172 -8.09 34.25 20.42
CA LEU B 172 -7.64 32.93 19.88
C LEU B 172 -6.16 33.03 19.48
N ASN B 173 -5.32 32.12 19.97
CA ASN B 173 -3.85 32.25 19.82
C ASN B 173 -3.23 30.92 19.47
N SER B 174 -2.31 30.94 18.49
CA SER B 174 -1.38 29.82 18.15
C SER B 174 0.00 30.16 18.73
N PRO B 175 0.35 29.85 19.99
CA PRO B 175 1.58 30.39 20.59
C PRO B 175 2.88 29.85 19.98
N THR B 176 2.85 28.70 19.29
CA THR B 176 4.08 27.99 18.84
C THR B 176 3.87 27.54 17.42
N VAL B 177 4.91 27.03 16.79
CA VAL B 177 4.82 26.45 15.44
C VAL B 177 4.03 25.14 15.52
N THR B 178 4.24 24.36 16.57
CA THR B 178 3.47 23.10 16.70
C THR B 178 1.98 23.38 16.89
N SER B 179 1.59 24.55 17.44
CA SER B 179 0.20 24.89 17.83
C SER B 179 -0.66 25.16 16.59
N ILE B 180 0.01 25.49 15.49
CA ILE B 180 -0.68 25.85 14.24
C ILE B 180 -1.62 24.68 13.86
N LYS B 181 -2.86 24.99 13.57
CA LYS B 181 -3.85 24.02 13.05
C LYS B 181 -3.32 23.46 11.74
N TRP B 182 -3.43 22.14 11.59
CA TRP B 182 -2.75 21.41 10.47
C TRP B 182 -3.63 20.27 10.00
N TRP B 183 -3.98 20.26 8.74
CA TRP B 183 -4.78 19.24 7.98
C TRP B 183 -6.18 19.71 7.56
N PRO B 184 -6.91 20.57 8.31
CA PRO B 184 -8.34 20.70 8.05
C PRO B 184 -8.68 20.94 6.58
N GLY B 185 -9.55 20.08 6.06
CA GLY B 185 -10.00 20.20 4.66
C GLY B 185 -10.71 21.51 4.43
N GLY B 186 -10.35 22.19 3.36
CA GLY B 186 -11.05 23.41 2.97
C GLY B 186 -10.48 24.62 3.64
N LEU B 187 -9.44 24.47 4.49
CA LEU B 187 -8.85 25.55 5.34
C LEU B 187 -7.86 26.42 4.56
N GLY B 188 -7.06 25.83 3.66
CA GLY B 188 -6.02 26.47 2.83
C GLY B 188 -6.54 27.64 2.05
N LYS B 189 -7.51 27.41 1.14
CA LYS B 189 -8.05 28.38 0.16
C LYS B 189 -9.57 28.58 0.20
N THR B 190 -10.37 27.55 0.51
CA THR B 190 -11.84 27.59 0.31
C THR B 190 -12.51 28.39 1.43
N SER B 191 -12.31 28.05 2.70
CA SER B 191 -13.15 28.51 3.83
C SER B 191 -12.79 29.94 4.27
N ASN B 192 -13.80 30.73 4.68
CA ASN B 192 -13.61 32.07 5.26
C ASN B 192 -13.97 32.04 6.73
N HIS B 193 -14.46 30.89 7.26
CA HIS B 193 -14.75 30.65 8.69
C HIS B 193 -14.18 29.30 9.10
N ALA B 194 -13.86 29.13 10.39
CA ALA B 194 -13.48 27.81 10.89
C ALA B 194 -13.99 27.64 12.30
N ILE B 195 -14.48 26.45 12.60
CA ILE B 195 -14.69 26.03 14.01
C ILE B 195 -13.32 25.55 14.53
N VAL B 196 -12.83 26.19 15.59
CA VAL B 196 -11.46 26.03 16.11
C VAL B 196 -11.62 25.40 17.47
N LEU B 197 -11.05 24.21 17.65
CA LEU B 197 -10.94 23.59 18.99
C LEU B 197 -9.72 24.20 19.72
N ALA B 198 -9.93 24.70 20.94
CA ALA B 198 -8.94 25.51 21.68
C ALA B 198 -9.10 25.26 23.18
N GLN B 199 -8.02 25.34 23.95
CA GLN B 199 -8.05 25.28 25.43
C GLN B 199 -8.67 26.60 25.95
N LEU B 200 -9.80 26.51 26.68
CA LEU B 200 -10.53 27.70 27.23
C LEU B 200 -9.85 28.22 28.50
N ILE B 201 -9.43 29.47 28.49
CA ILE B 201 -8.87 30.15 29.70
C ILE B 201 -9.75 31.33 30.06
N THR B 202 -10.32 31.29 31.27
CA THR B 202 -11.18 32.36 31.83
C THR B 202 -10.93 32.53 33.33
N LYS B 203 -10.93 33.80 33.76
CA LYS B 203 -10.20 34.22 34.96
C LYS B 203 -8.75 33.82 34.65
N GLY B 204 -8.12 33.10 35.55
CA GLY B 204 -6.78 32.58 35.25
C GLY B 204 -6.75 31.08 35.35
N LYS B 205 -7.82 30.42 34.91
CA LYS B 205 -7.91 28.94 34.99
C LYS B 205 -8.26 28.35 33.63
N TYR B 207 -10.14 25.49 31.45
CA TYR B 207 -11.32 24.61 31.66
C TYR B 207 -11.37 23.58 30.54
N GLY B 208 -10.30 23.51 29.75
CA GLY B 208 -10.22 22.43 28.76
C GLY B 208 -10.65 22.77 27.37
N LEU B 209 -10.94 21.75 26.58
CA LEU B 209 -11.25 21.95 25.15
C LEU B 209 -12.67 22.40 24.86
N HIS B 210 -12.81 23.48 24.11
CA HIS B 210 -14.08 24.07 23.68
C HIS B 210 -13.89 24.58 22.25
N ALA B 211 -15.02 24.84 21.59
CA ALA B 211 -15.10 25.01 20.14
C ALA B 211 -15.54 26.45 19.89
N PHE B 212 -14.97 27.08 18.88
CA PHE B 212 -15.20 28.51 18.66
C PHE B 212 -15.43 28.75 17.18
N ILE B 213 -16.38 29.61 16.85
CA ILE B 213 -16.60 30.04 15.45
C ILE B 213 -15.64 31.18 15.18
N VAL B 214 -14.71 30.99 14.24
CA VAL B 214 -13.61 31.97 14.00
C VAL B 214 -13.62 32.38 12.54
N PRO B 215 -13.99 33.67 12.27
CA PRO B 215 -13.80 34.26 10.95
C PRO B 215 -12.31 34.25 10.65
N ILE B 216 -11.93 33.78 9.46
CA ILE B 216 -10.50 33.76 9.05
C ILE B 216 -10.24 34.60 7.78
N ARG B 217 -11.25 34.83 6.96
CA ARG B 217 -11.12 35.69 5.76
C ARG B 217 -12.34 36.59 5.62
N GLU B 218 -12.13 37.75 4.98
CA GLU B 218 -13.16 38.73 4.57
C GLU B 218 -14.11 37.99 3.63
N ILE B 219 -15.41 38.07 3.91
CA ILE B 219 -16.50 37.68 2.96
C ILE B 219 -16.40 38.63 1.77
N GLY B 220 -16.54 38.10 0.55
CA GLY B 220 -16.39 38.90 -0.67
C GLY B 220 -14.98 38.88 -1.19
N THR B 221 -14.03 39.51 -0.48
CA THR B 221 -12.59 39.63 -0.91
C THR B 221 -11.83 38.30 -0.75
N HIS B 222 -12.20 37.50 0.26
CA HIS B 222 -11.48 36.28 0.67
C HIS B 222 -10.05 36.59 1.15
N LYS B 223 -9.76 37.81 1.61
CA LYS B 223 -8.42 38.17 2.14
C LYS B 223 -8.31 37.71 3.60
N PRO B 224 -7.19 37.09 4.02
CA PRO B 224 -6.99 36.77 5.45
C PRO B 224 -7.18 38.00 6.34
N LEU B 225 -7.91 37.84 7.44
CA LEU B 225 -8.20 38.90 8.43
C LEU B 225 -6.90 39.25 9.14
N PRO B 226 -6.82 40.44 9.77
CA PRO B 226 -5.69 40.77 10.64
C PRO B 226 -5.45 39.67 11.70
N GLY B 227 -4.20 39.23 11.79
CA GLY B 227 -3.75 38.20 12.74
C GLY B 227 -4.10 36.78 12.32
N ILE B 228 -4.53 36.58 11.08
CA ILE B 228 -4.79 35.23 10.49
C ILE B 228 -3.69 34.96 9.47
N THR B 229 -3.02 33.81 9.64
CA THR B 229 -2.15 33.23 8.59
C THR B 229 -2.72 31.87 8.26
N VAL B 230 -2.95 31.63 6.98
CA VAL B 230 -3.73 30.45 6.51
C VAL B 230 -3.19 30.02 5.17
N GLY B 231 -3.09 28.72 4.92
CA GLY B 231 -2.67 28.25 3.60
C GLY B 231 -2.68 26.74 3.47
N ASP B 232 -2.17 26.26 2.33
CA ASP B 232 -2.20 24.84 1.92
C ASP B 232 -1.00 24.20 2.59
N ILE B 233 -1.11 22.94 3.03
CA ILE B 233 0.00 22.24 3.73
C ILE B 233 0.81 21.51 2.67
N GLY B 234 0.48 21.67 1.39
CA GLY B 234 1.27 21.03 0.32
C GLY B 234 0.73 19.68 -0.14
N PRO B 235 1.41 19.05 -1.11
CA PRO B 235 0.93 17.82 -1.73
C PRO B 235 1.07 16.60 -0.80
N LYS B 236 0.21 15.61 -1.06
CA LYS B 236 0.00 14.43 -0.19
C LYS B 236 -0.09 13.24 -1.11
N PHE B 237 -0.07 12.05 -0.54
CA PHE B 237 -0.14 10.77 -1.27
C PHE B 237 -1.40 10.84 -2.15
N GLY B 238 -2.50 11.38 -1.59
CA GLY B 238 -3.74 11.64 -2.34
C GLY B 238 -4.38 12.92 -1.91
N TYR B 239 -5.70 13.00 -1.97
CA TYR B 239 -6.47 14.21 -1.61
C TYR B 239 -5.97 15.42 -2.42
N ASP B 240 -5.56 15.20 -3.67
CA ASP B 240 -5.01 16.27 -4.56
C ASP B 240 -6.00 17.42 -4.68
N GLU B 241 -7.29 17.08 -4.67
CA GLU B 241 -8.45 17.99 -4.91
C GLU B 241 -8.78 18.80 -3.65
N ILE B 242 -8.18 18.47 -2.49
CA ILE B 242 -8.51 19.11 -1.19
C ILE B 242 -7.43 20.06 -0.75
N ASP B 243 -7.84 21.27 -0.40
CA ASP B 243 -6.93 22.31 0.13
C ASP B 243 -6.80 22.06 1.64
N ASN B 244 -6.28 20.90 2.05
CA ASN B 244 -5.85 20.62 3.44
C ASN B 244 -4.92 21.75 3.92
N GLY B 245 -5.25 22.38 5.03
CA GLY B 245 -4.71 23.72 5.33
C GLY B 245 -4.12 23.85 6.69
N TYR B 246 -3.45 24.98 6.88
CA TYR B 246 -2.87 25.39 8.17
C TYR B 246 -3.56 26.70 8.55
N LEU B 247 -3.71 26.93 9.85
CA LEU B 247 -4.22 28.19 10.41
C LEU B 247 -3.35 28.60 11.60
N LYS B 248 -2.76 29.78 11.52
CA LYS B 248 -2.03 30.43 12.66
C LYS B 248 -2.80 31.67 13.10
N MET B 249 -3.16 31.70 14.38
CA MET B 249 -3.88 32.84 14.97
C MET B 249 -2.95 33.61 15.93
N ASP B 250 -2.86 34.93 15.73
CA ASP B 250 -2.03 35.81 16.59
C ASP B 250 -2.96 36.63 17.47
N ASN B 251 -3.32 36.06 18.62
CA ASN B 251 -4.30 36.66 19.55
C ASN B 251 -5.45 37.27 18.72
N HIS B 252 -6.10 36.47 17.89
CA HIS B 252 -7.24 36.90 17.06
C HIS B 252 -8.50 36.96 17.91
N ARG B 253 -9.19 38.09 17.89
CA ARG B 253 -10.37 38.37 18.75
C ARG B 253 -11.67 38.03 18.00
N ILE B 254 -12.58 37.41 18.74
CA ILE B 254 -13.93 37.06 18.29
C ILE B 254 -14.89 37.45 19.41
N PRO B 255 -16.20 37.62 19.10
CA PRO B 255 -17.20 37.82 20.15
C PRO B 255 -17.29 36.65 21.12
N ARG B 256 -17.59 36.95 22.39
CA ARG B 256 -17.91 35.92 23.40
C ARG B 256 -18.94 34.95 22.80
N GLU B 257 -19.81 35.45 21.92
CA GLU B 257 -21.06 34.72 21.57
C GLU B 257 -20.72 33.74 20.45
N ASN B 258 -19.47 33.73 19.96
CA ASN B 258 -18.95 32.77 18.94
C ASN B 258 -18.45 31.49 19.60
N MET B 259 -18.43 31.36 20.91
CA MET B 259 -18.18 30.06 21.56
C MET B 259 -19.40 29.17 21.34
N LEU B 260 -19.19 27.87 21.13
CA LEU B 260 -20.28 26.86 21.13
C LEU B 260 -20.54 26.42 22.58
N MET B 261 -21.67 26.86 23.13
CA MET B 261 -21.99 26.79 24.57
C MET B 261 -23.03 25.68 24.85
N LYS B 262 -23.23 24.71 23.96
CA LYS B 262 -24.22 23.63 24.20
C LYS B 262 -24.03 23.03 25.60
N TYR B 263 -22.82 22.60 25.97
CA TYR B 263 -22.57 21.84 27.21
C TYR B 263 -21.98 22.76 28.28
N ALA B 264 -21.48 23.95 27.90
CA ALA B 264 -20.79 24.90 28.81
C ALA B 264 -20.89 26.34 28.30
N GLN B 265 -20.86 27.29 29.23
CA GLN B 265 -21.07 28.73 28.98
C GLN B 265 -19.93 29.55 29.64
N VAL B 266 -19.61 30.69 29.05
CA VAL B 266 -18.89 31.78 29.76
C VAL B 266 -19.83 32.99 29.81
N LYS B 267 -20.07 33.49 31.02
CA LYS B 267 -20.95 34.66 31.28
C LYS B 267 -20.15 35.91 30.92
N PRO B 268 -20.77 37.09 30.75
CA PRO B 268 -20.03 38.28 30.31
C PRO B 268 -18.91 38.76 31.26
N ASP B 269 -18.95 38.31 32.51
CA ASP B 269 -17.95 38.65 33.55
C ASP B 269 -16.82 37.61 33.58
N GLY B 270 -16.94 36.53 32.80
CA GLY B 270 -15.90 35.52 32.61
C GLY B 270 -16.18 34.25 33.38
N THR B 271 -17.31 34.19 34.10
CA THR B 271 -17.70 33.01 34.92
C THR B 271 -17.90 31.82 33.96
N TYR B 272 -17.36 30.65 34.34
CA TYR B 272 -17.50 29.37 33.61
C TYR B 272 -18.51 28.44 34.30
N VAL B 273 -19.50 27.99 33.55
CA VAL B 273 -20.58 27.07 34.04
C VAL B 273 -20.34 25.66 33.44
N LYS B 274 -19.96 24.68 34.27
CA LYS B 274 -19.94 23.20 33.98
C LYS B 274 -19.51 22.88 32.55
N MET B 285 -17.21 10.40 16.76
CA MET B 285 -18.68 10.18 16.69
C MET B 285 -18.97 8.77 16.11
N VAL B 286 -20.02 8.12 16.61
CA VAL B 286 -20.48 6.80 16.07
C VAL B 286 -21.03 6.99 14.64
N PHE B 287 -21.73 8.11 14.35
CA PHE B 287 -22.19 8.43 12.97
C PHE B 287 -20.96 8.28 12.06
N VAL B 288 -19.88 9.00 12.29
CA VAL B 288 -18.74 9.08 11.33
C VAL B 288 -17.99 7.73 11.29
N ARG B 289 -17.87 7.00 12.40
CA ARG B 289 -17.13 5.70 12.44
C ARG B 289 -17.96 4.60 11.75
N SER B 290 -19.27 4.69 11.88
CA SER B 290 -20.22 3.90 11.08
C SER B 290 -20.04 4.23 9.61
N PHE B 291 -20.10 5.51 9.25
CA PHE B 291 -19.92 5.90 7.83
C PHE B 291 -18.60 5.30 7.32
N LEU B 292 -17.52 5.33 8.10
CA LEU B 292 -16.17 4.87 7.62
C LEU B 292 -16.13 3.35 7.40
N VAL B 293 -16.85 2.57 8.19
CA VAL B 293 -16.97 1.11 7.89
C VAL B 293 -17.61 0.93 6.51
N GLY B 294 -18.69 1.66 6.22
CA GLY B 294 -19.34 1.59 4.90
C GLY B 294 -18.43 2.07 3.77
N GLU B 295 -17.60 3.09 4.03
CA GLU B 295 -16.59 3.57 3.04
C GLU B 295 -15.52 2.52 2.84
N ALA B 296 -15.17 1.77 3.87
CA ALA B 296 -14.23 0.65 3.74
C ALA B 296 -14.84 -0.42 2.81
N ALA B 297 -16.08 -0.76 3.05
CA ALA B 297 -16.82 -1.72 2.22
C ALA B 297 -16.81 -1.23 0.76
N ARG B 298 -17.15 0.03 0.56
CA ARG B 298 -17.35 0.61 -0.80
C ARG B 298 -16.02 0.53 -1.53
N ALA B 299 -14.92 0.90 -0.89
CA ALA B 299 -13.59 1.02 -1.55
C ALA B 299 -13.10 -0.38 -1.90
N LEU B 300 -13.32 -1.30 -1.00
CA LEU B 300 -12.84 -2.65 -1.29
C LEU B 300 -13.70 -3.25 -2.38
N SER B 301 -15.00 -3.00 -2.36
CA SER B 301 -15.97 -3.46 -3.36
C SER B 301 -15.55 -2.93 -4.74
N LYS B 302 -15.17 -1.68 -4.83
CA LYS B 302 -14.83 -1.11 -6.16
C LYS B 302 -13.55 -1.79 -6.62
N ALA B 303 -12.62 -1.95 -5.70
CA ALA B 303 -11.33 -2.60 -6.07
C ALA B 303 -11.57 -4.03 -6.52
N CYS B 304 -12.39 -4.81 -5.80
CA CYS B 304 -12.70 -6.18 -6.24
C CYS B 304 -13.41 -6.20 -7.61
N THR B 305 -14.29 -5.24 -7.87
CA THR B 305 -14.98 -5.11 -9.18
C THR B 305 -13.93 -4.91 -10.30
N ILE B 306 -13.02 -3.96 -10.14
CA ILE B 306 -12.00 -3.73 -11.21
C ILE B 306 -11.18 -5.00 -11.39
N ALA B 307 -10.62 -5.54 -10.34
CA ALA B 307 -9.67 -6.65 -10.51
C ALA B 307 -10.38 -7.92 -11.02
N ILE B 308 -11.62 -8.14 -10.61
CA ILE B 308 -12.27 -9.44 -10.94
C ILE B 308 -12.72 -9.39 -12.41
N ARG B 309 -13.29 -8.29 -12.84
CA ARG B 309 -13.67 -8.10 -14.24
C ARG B 309 -12.41 -8.26 -15.10
N TYR B 310 -11.38 -7.45 -14.83
CA TYR B 310 -10.10 -7.48 -15.58
C TYR B 310 -9.48 -8.91 -15.55
N SER B 311 -9.55 -9.66 -14.45
CA SER B 311 -9.16 -11.10 -14.37
C SER B 311 -9.99 -12.01 -15.30
N ALA B 312 -11.27 -11.68 -15.56
CA ALA B 312 -12.12 -12.42 -16.51
C ALA B 312 -11.79 -12.02 -17.97
N VAL B 313 -11.25 -10.82 -18.19
CA VAL B 313 -10.91 -10.30 -19.54
C VAL B 313 -9.47 -10.71 -19.92
N ARG B 314 -8.53 -10.58 -18.98
CA ARG B 314 -7.09 -10.83 -19.23
C ARG B 314 -6.84 -12.34 -19.37
N HIS B 315 -6.28 -12.72 -20.50
CA HIS B 315 -5.72 -14.08 -20.73
C HIS B 315 -4.21 -14.01 -20.58
N GLN B 316 -3.59 -15.00 -19.97
CA GLN B 316 -2.11 -15.06 -19.87
C GLN B 316 -1.62 -16.46 -19.52
N SER B 317 -0.47 -16.87 -20.08
CA SER B 317 0.26 -18.07 -19.63
C SER B 317 -0.55 -19.32 -19.97
N GLU B 318 -0.28 -20.43 -19.30
CA GLU B 318 -0.75 -21.75 -19.73
C GLU B 318 -1.20 -22.52 -18.50
N ILE B 319 -2.26 -23.30 -18.66
CA ILE B 319 -2.53 -24.44 -17.76
C ILE B 319 -2.20 -25.63 -18.67
N LYS B 320 -3.20 -26.17 -19.39
CA LYS B 320 -2.97 -27.28 -20.36
C LYS B 320 -1.95 -26.83 -21.41
N PRO B 321 -0.82 -27.55 -21.57
CA PRO B 321 0.32 -27.09 -22.38
C PRO B 321 0.06 -26.76 -23.87
N GLY B 322 -0.83 -27.45 -24.58
CA GLY B 322 -1.03 -27.12 -26.00
C GLY B 322 -2.17 -26.13 -26.23
N GLU B 323 -2.81 -25.67 -25.14
CA GLU B 323 -4.17 -25.05 -25.24
C GLU B 323 -4.07 -23.52 -25.19
N PRO B 324 -5.11 -22.77 -25.59
CA PRO B 324 -5.04 -21.31 -25.55
C PRO B 324 -4.88 -20.76 -24.12
N GLU B 325 -4.28 -19.59 -24.07
CA GLU B 325 -4.06 -18.85 -22.81
C GLU B 325 -5.41 -18.77 -22.09
N PRO B 326 -5.58 -19.30 -20.86
CA PRO B 326 -6.83 -19.10 -20.14
C PRO B 326 -6.94 -17.66 -19.60
N GLN B 327 -8.16 -17.26 -19.26
CA GLN B 327 -8.44 -16.07 -18.40
C GLN B 327 -7.62 -16.23 -17.12
N ILE B 328 -6.96 -15.18 -16.67
CA ILE B 328 -6.08 -15.37 -15.45
C ILE B 328 -6.96 -15.70 -14.23
N LEU B 329 -8.26 -15.43 -14.24
CA LEU B 329 -9.12 -15.81 -13.11
C LEU B 329 -9.19 -17.34 -12.96
N ASP B 330 -8.73 -18.12 -13.94
CA ASP B 330 -8.74 -19.61 -13.89
C ASP B 330 -7.60 -20.10 -13.00
N PHE B 331 -6.57 -19.28 -12.74
CA PHE B 331 -5.44 -19.67 -11.86
C PHE B 331 -5.88 -19.69 -10.39
N GLN B 332 -5.66 -20.82 -9.70
CA GLN B 332 -6.05 -20.97 -8.29
C GLN B 332 -5.43 -19.83 -7.47
N THR B 333 -4.18 -19.45 -7.75
CA THR B 333 -3.51 -18.33 -7.03
C THR B 333 -4.30 -17.03 -7.22
N GLN B 334 -4.82 -16.77 -8.42
CA GLN B 334 -5.49 -15.47 -8.73
C GLN B 334 -6.82 -15.42 -7.95
N GLN B 335 -7.49 -16.56 -7.90
CA GLN B 335 -8.74 -16.77 -7.12
C GLN B 335 -8.44 -16.48 -5.65
N TYR B 336 -7.31 -16.98 -5.16
CA TYR B 336 -6.91 -16.92 -3.74
C TYR B 336 -6.65 -15.45 -3.41
N LYS B 337 -6.05 -14.69 -4.35
CA LYS B 337 -5.82 -13.23 -4.17
C LYS B 337 -7.17 -12.51 -4.04
N LEU B 338 -8.16 -12.86 -4.88
CA LEU B 338 -9.35 -11.99 -5.09
C LEU B 338 -10.60 -12.47 -4.37
N PHE B 339 -10.88 -13.76 -4.36
CA PHE B 339 -12.20 -14.22 -3.87
C PHE B 339 -12.32 -13.93 -2.39
N PRO B 340 -11.28 -14.19 -1.56
CA PRO B 340 -11.40 -13.90 -0.12
C PRO B 340 -11.60 -12.41 0.10
N LEU B 341 -11.07 -11.55 -0.81
CA LEU B 341 -11.37 -10.09 -0.73
C LEU B 341 -12.83 -9.85 -1.11
N LEU B 342 -13.35 -10.49 -2.18
CA LEU B 342 -14.76 -10.37 -2.58
C LEU B 342 -15.65 -10.71 -1.39
N ALA B 343 -15.31 -11.76 -0.66
CA ALA B 343 -16.11 -12.21 0.51
C ALA B 343 -16.02 -11.16 1.59
N THR B 344 -14.83 -10.64 1.79
CA THR B 344 -14.54 -9.59 2.78
C THR B 344 -15.39 -8.36 2.40
N ALA B 345 -15.43 -8.00 1.12
CA ALA B 345 -16.22 -6.82 0.68
C ALA B 345 -17.66 -6.98 1.13
N TYR B 346 -18.28 -8.10 0.76
CA TYR B 346 -19.70 -8.38 1.13
C TYR B 346 -19.85 -8.33 2.64
N ALA B 347 -18.94 -8.95 3.38
CA ALA B 347 -19.01 -9.02 4.87
C ALA B 347 -19.08 -7.59 5.43
N PHE B 348 -18.21 -6.72 4.90
CA PHE B 348 -18.12 -5.31 5.36
C PHE B 348 -19.36 -4.58 4.90
N GLN B 349 -19.94 -4.93 3.76
CA GLN B 349 -21.18 -4.24 3.29
C GLN B 349 -22.26 -4.46 4.36
N PHE B 350 -22.34 -5.70 4.91
CA PHE B 350 -23.40 -6.08 5.88
C PHE B 350 -23.13 -5.55 7.28
N VAL B 351 -21.86 -5.52 7.68
CA VAL B 351 -21.45 -4.84 8.92
C VAL B 351 -21.80 -3.35 8.77
N GLY B 352 -21.55 -2.73 7.63
CA GLY B 352 -21.85 -1.28 7.50
C GLY B 352 -23.36 -1.02 7.60
N ALA B 353 -24.16 -1.81 6.91
CA ALA B 353 -25.65 -1.77 7.00
C ALA B 353 -26.07 -2.02 8.45
N TYR B 354 -25.60 -3.08 9.09
CA TYR B 354 -26.00 -3.40 10.48
C TYR B 354 -25.75 -2.22 11.40
N MET B 355 -24.60 -1.57 11.30
CA MET B 355 -24.26 -0.48 12.22
C MET B 355 -25.11 0.78 11.92
N LYS B 356 -25.37 1.08 10.65
CA LYS B 356 -26.25 2.20 10.27
C LYS B 356 -27.65 1.96 10.84
N GLU B 357 -28.12 0.70 10.83
CA GLU B 357 -29.51 0.34 11.21
C GLU B 357 -29.63 0.09 12.71
N THR B 358 -28.55 0.17 13.48
CA THR B 358 -28.60 0.04 14.97
C THR B 358 -28.12 1.35 15.65
N TYR B 359 -27.57 2.29 14.89
CA TYR B 359 -27.29 3.66 15.37
C TYR B 359 -28.61 4.44 15.55
N HIS B 360 -29.61 4.18 14.68
CA HIS B 360 -30.97 4.78 14.76
C HIS B 360 -31.84 4.07 15.83
N ARG B 361 -31.45 2.85 16.22
CA ARG B 361 -32.12 2.06 17.32
C ARG B 361 -31.61 2.55 18.69
N ILE B 362 -30.29 2.70 18.85
CA ILE B 362 -29.65 3.18 20.10
C ILE B 362 -29.18 4.63 19.89
N LEU B 374 -24.33 1.43 25.18
CA LEU B 374 -23.65 2.67 24.70
C LEU B 374 -22.15 2.61 24.94
N PRO B 375 -21.63 2.16 26.12
CA PRO B 375 -20.19 1.92 26.25
C PRO B 375 -19.76 0.88 25.21
N GLU B 376 -20.60 -0.15 24.99
CA GLU B 376 -20.31 -1.19 23.96
C GLU B 376 -20.33 -0.54 22.56
N LEU B 377 -21.35 0.26 22.26
CA LEU B 377 -21.52 0.91 20.95
C LEU B 377 -20.24 1.70 20.61
N HIS B 378 -19.81 2.58 21.50
CA HIS B 378 -18.60 3.42 21.36
C HIS B 378 -17.41 2.48 21.12
N ALA B 379 -17.21 1.49 21.96
CA ALA B 379 -16.12 0.50 21.83
C ALA B 379 -16.25 -0.26 20.50
N LEU B 380 -17.44 -0.67 20.15
CA LEU B 380 -17.59 -1.55 18.98
C LEU B 380 -17.28 -0.76 17.71
N THR B 381 -17.87 0.43 17.64
CA THR B 381 -17.76 1.34 16.48
C THR B 381 -16.32 1.75 16.26
N ALA B 382 -15.55 1.99 17.33
CA ALA B 382 -14.11 2.32 17.22
C ALA B 382 -13.32 1.13 16.63
N GLY B 383 -13.49 -0.05 17.20
CA GLY B 383 -12.79 -1.25 16.73
C GLY B 383 -13.11 -1.62 15.30
N LEU B 384 -14.39 -1.53 14.89
CA LEU B 384 -14.79 -1.95 13.53
C LEU B 384 -14.29 -0.89 12.55
N LYS B 385 -14.21 0.37 12.96
CA LYS B 385 -13.66 1.40 12.08
C LYS B 385 -12.25 0.95 11.78
N ALA B 386 -11.50 0.59 12.81
CA ALA B 386 -10.06 0.29 12.61
C ALA B 386 -9.91 -1.03 11.84
N PHE B 387 -10.67 -2.05 12.23
CA PHE B 387 -10.59 -3.36 11.57
C PHE B 387 -10.95 -3.27 10.10
N THR B 388 -12.06 -2.60 9.77
CA THR B 388 -12.50 -2.60 8.35
C THR B 388 -11.53 -1.75 7.50
N SER B 389 -11.07 -0.61 8.00
CA SER B 389 -10.21 0.33 7.25
C SER B 389 -8.87 -0.39 7.03
N TRP B 390 -8.25 -0.98 8.05
CA TRP B 390 -7.00 -1.72 7.81
C TRP B 390 -7.17 -2.81 6.74
N THR B 391 -8.16 -3.67 6.91
CA THR B 391 -8.36 -4.84 6.01
C THR B 391 -8.72 -4.33 4.61
N ALA B 392 -9.49 -3.24 4.47
CA ALA B 392 -9.84 -2.76 3.11
C ALA B 392 -8.57 -2.18 2.51
N ASN B 393 -7.77 -1.54 3.34
CA ASN B 393 -6.54 -0.85 2.88
C ASN B 393 -5.60 -1.82 2.17
N THR B 394 -5.28 -2.89 2.82
CA THR B 394 -4.49 -4.02 2.29
C THR B 394 -5.22 -4.63 1.06
N GLY B 395 -6.53 -4.91 1.15
CA GLY B 395 -7.30 -5.44 0.03
C GLY B 395 -7.06 -4.62 -1.23
N ILE B 396 -7.20 -3.31 -1.16
CA ILE B 396 -7.21 -2.53 -2.42
C ILE B 396 -5.90 -2.82 -3.07
N GLU B 397 -4.78 -2.82 -2.31
CA GLU B 397 -3.44 -2.91 -2.99
C GLU B 397 -3.29 -4.31 -3.54
N ALA B 398 -3.86 -5.34 -2.88
CA ALA B 398 -3.72 -6.73 -3.38
C ALA B 398 -4.47 -6.85 -4.71
N CYS B 399 -5.55 -6.09 -4.82
CA CYS B 399 -6.36 -6.01 -6.05
C CYS B 399 -5.51 -5.35 -7.11
N ARG B 400 -4.84 -4.24 -6.79
CA ARG B 400 -3.98 -3.57 -7.80
C ARG B 400 -2.88 -4.52 -8.27
N MET B 401 -2.18 -5.18 -7.35
CA MET B 401 -1.02 -6.05 -7.70
C MET B 401 -1.50 -7.28 -8.47
N ALA B 402 -2.73 -7.72 -8.21
CA ALA B 402 -3.37 -8.86 -8.95
C ALA B 402 -3.59 -8.52 -10.45
N CYS B 403 -3.68 -7.26 -10.84
CA CYS B 403 -3.85 -6.92 -12.27
C CYS B 403 -2.51 -6.87 -13.00
N GLY B 404 -1.39 -7.04 -12.30
CA GLY B 404 -0.10 -6.97 -12.99
C GLY B 404 0.22 -5.55 -13.36
N GLY B 405 1.09 -5.36 -14.36
CA GLY B 405 1.55 -4.02 -14.74
C GLY B 405 0.43 -3.00 -14.90
N HIS B 406 -0.61 -3.34 -15.65
CA HIS B 406 -1.70 -2.39 -15.96
C HIS B 406 -2.35 -1.90 -14.66
N GLY B 407 -2.33 -2.71 -13.59
CA GLY B 407 -2.79 -2.30 -12.22
C GLY B 407 -2.12 -1.00 -11.77
N TYR B 408 -0.80 -0.89 -11.98
CA TYR B 408 0.08 0.24 -11.56
C TYR B 408 -0.21 1.49 -12.39
N SER B 409 -0.66 1.34 -13.63
CA SER B 409 -1.05 2.52 -14.45
C SER B 409 -2.34 3.12 -13.89
N HIS B 410 -2.53 4.43 -14.02
CA HIS B 410 -3.79 5.08 -13.57
C HIS B 410 -4.94 4.60 -14.45
N CYS B 411 -4.68 3.83 -15.52
CA CYS B 411 -5.78 3.24 -16.34
C CYS B 411 -6.63 2.29 -15.46
N SER B 412 -6.08 1.73 -14.37
CA SER B 412 -6.75 0.73 -13.48
C SER B 412 -7.79 1.38 -12.57
N GLY B 413 -7.65 2.67 -12.32
CA GLY B 413 -8.38 3.41 -11.28
C GLY B 413 -8.01 3.00 -9.87
N LEU B 414 -7.16 2.00 -9.67
CA LEU B 414 -6.85 1.44 -8.35
C LEU B 414 -5.87 2.31 -7.57
N PRO B 415 -4.82 2.92 -8.12
CA PRO B 415 -4.07 3.90 -7.32
C PRO B 415 -4.90 4.99 -6.64
N ASN B 416 -5.81 5.62 -7.37
CA ASN B 416 -6.66 6.72 -6.80
C ASN B 416 -7.54 6.12 -5.70
N ILE B 417 -8.10 4.95 -5.89
CA ILE B 417 -8.99 4.38 -4.83
C ILE B 417 -8.16 4.17 -3.58
N TYR B 418 -6.92 3.62 -3.70
CA TYR B 418 -5.99 3.38 -2.58
C TYR B 418 -5.66 4.71 -1.87
N VAL B 419 -5.16 5.70 -2.61
CA VAL B 419 -4.55 6.89 -1.97
C VAL B 419 -5.65 7.69 -1.31
N ASN B 420 -6.85 7.63 -1.82
CA ASN B 420 -7.96 8.44 -1.28
C ASN B 420 -8.62 7.65 -0.13
N PHE B 421 -8.53 6.32 -0.08
CA PHE B 421 -9.20 5.57 1.02
C PHE B 421 -8.25 5.46 2.23
N THR B 422 -6.93 5.31 1.99
CA THR B 422 -5.91 4.96 3.03
C THR B 422 -5.88 5.93 4.21
N PRO B 423 -6.16 7.25 4.10
CA PRO B 423 -6.11 8.10 5.29
C PRO B 423 -7.25 7.74 6.25
N SER B 424 -8.18 6.90 5.81
CA SER B 424 -9.28 6.47 6.74
C SER B 424 -8.68 5.75 7.93
N CYS B 425 -7.46 5.18 7.79
CA CYS B 425 -6.78 4.37 8.84
C CYS B 425 -6.10 5.27 9.87
N THR B 426 -5.94 6.55 9.55
CA THR B 426 -5.25 7.53 10.41
C THR B 426 -6.19 8.59 10.97
N PHE B 427 -7.19 9.08 10.21
CA PHE B 427 -8.07 10.16 10.71
C PHE B 427 -9.27 9.53 11.43
N GLU B 428 -10.00 10.35 12.21
CA GLU B 428 -11.22 9.92 12.92
C GLU B 428 -10.88 8.78 13.85
N GLY B 429 -9.76 8.94 14.54
CA GLY B 429 -9.15 7.98 15.48
C GLY B 429 -8.12 7.12 14.81
N GLU B 430 -6.83 7.29 15.08
CA GLU B 430 -5.77 6.45 14.47
C GLU B 430 -6.08 5.01 14.87
N ASN B 431 -5.91 4.09 13.94
CA ASN B 431 -6.43 2.72 14.05
C ASN B 431 -5.86 2.04 15.30
N THR B 432 -4.60 2.26 15.65
CA THR B 432 -3.98 1.51 16.80
C THR B 432 -4.68 1.98 18.07
N VAL B 433 -4.85 3.29 18.14
CA VAL B 433 -5.46 3.94 19.32
C VAL B 433 -6.92 3.48 19.42
N MET B 434 -7.60 3.33 18.28
CA MET B 434 -9.00 2.89 18.29
C MET B 434 -9.03 1.48 18.88
N MET B 435 -8.12 0.63 18.43
CA MET B 435 -8.10 -0.76 18.93
C MET B 435 -7.83 -0.76 20.46
N LEU B 436 -7.03 0.19 20.97
CA LEU B 436 -6.78 0.25 22.41
C LEU B 436 -8.04 0.75 23.13
N GLN B 437 -8.80 1.69 22.54
CA GLN B 437 -10.12 2.13 23.12
C GLN B 437 -11.05 0.90 23.18
N THR B 438 -11.05 0.07 22.12
CA THR B 438 -11.78 -1.21 22.15
C THR B 438 -11.26 -2.06 23.33
N ALA B 439 -9.96 -2.26 23.43
CA ALA B 439 -9.41 -3.19 24.44
C ALA B 439 -9.80 -2.76 25.87
N ARG B 440 -9.88 -1.46 26.13
CA ARG B 440 -10.29 -0.86 27.42
C ARG B 440 -11.69 -1.37 27.77
N PHE B 441 -12.62 -1.31 26.82
CA PHE B 441 -13.99 -1.84 27.03
C PHE B 441 -13.97 -3.37 27.21
N LEU B 442 -13.08 -4.12 26.53
CA LEU B 442 -12.99 -5.59 26.76
C LEU B 442 -12.39 -5.93 28.14
N MET B 443 -11.49 -5.12 28.66
CA MET B 443 -10.89 -5.42 29.99
C MET B 443 -11.92 -5.04 31.07
N LYS B 444 -12.58 -3.91 30.88
CA LYS B 444 -13.69 -3.48 31.75
C LYS B 444 -14.72 -4.64 31.79
N SER B 445 -15.00 -5.30 30.66
CA SER B 445 -16.04 -6.38 30.58
C SER B 445 -15.52 -7.63 31.27
N TYR B 446 -14.23 -7.90 31.13
CA TYR B 446 -13.56 -9.06 31.75
C TYR B 446 -13.63 -8.93 33.29
N ASP B 447 -13.28 -7.76 33.84
CA ASP B 447 -13.23 -7.50 35.31
C ASP B 447 -14.65 -7.59 35.86
N GLN B 448 -15.64 -6.97 35.18
CA GLN B 448 -17.10 -7.15 35.47
C GLN B 448 -17.46 -8.65 35.63
N VAL B 449 -17.05 -9.54 34.72
CA VAL B 449 -17.43 -10.98 34.75
C VAL B 449 -16.79 -11.71 35.94
N HIS B 450 -15.49 -11.49 36.17
CA HIS B 450 -14.69 -12.22 37.19
C HIS B 450 -15.05 -11.71 38.59
N SER B 451 -15.73 -10.55 38.68
CA SER B 451 -16.40 -10.00 39.89
C SER B 451 -17.90 -10.40 39.90
N GLY B 452 -18.25 -11.51 39.22
CA GLY B 452 -19.54 -12.23 39.38
C GLY B 452 -20.73 -11.58 38.67
N LYS B 453 -20.52 -10.51 37.87
CA LYS B 453 -21.61 -9.80 37.14
C LYS B 453 -21.85 -10.38 35.75
N LEU B 454 -22.87 -9.87 35.06
CA LEU B 454 -23.25 -10.33 33.71
C LEU B 454 -23.04 -9.17 32.72
N VAL B 455 -22.48 -9.47 31.55
CA VAL B 455 -22.31 -8.46 30.47
C VAL B 455 -23.24 -8.83 29.31
N GLY B 457 -24.78 -7.91 25.03
CA GLY B 457 -24.38 -7.59 23.67
C GLY B 457 -23.25 -8.46 23.15
N MET B 458 -22.46 -7.92 22.20
CA MET B 458 -21.34 -8.65 21.52
C MET B 458 -20.32 -9.20 22.52
N VAL B 459 -20.15 -8.63 23.73
CA VAL B 459 -19.18 -9.21 24.69
C VAL B 459 -19.86 -10.23 25.63
N SER B 460 -21.10 -10.65 25.38
CA SER B 460 -21.84 -11.58 26.26
C SER B 460 -21.11 -12.94 26.35
N TYR B 461 -20.28 -13.29 25.36
CA TYR B 461 -19.51 -14.56 25.28
C TYR B 461 -18.47 -14.70 26.41
N LEU B 462 -18.19 -13.60 27.11
CA LEU B 462 -17.20 -13.54 28.23
C LEU B 462 -17.80 -14.13 29.52
N ASN B 463 -19.12 -14.30 29.54
CA ASN B 463 -19.89 -14.92 30.66
C ASN B 463 -19.51 -16.39 30.84
N ASP B 464 -18.99 -17.06 29.79
CA ASP B 464 -18.69 -18.53 29.73
C ASP B 464 -17.22 -18.88 30.02
N LEU B 465 -16.51 -18.11 30.86
CA LEU B 465 -15.06 -18.30 31.10
C LEU B 465 -14.78 -19.11 32.38
N MET B 481 -16.80 -29.21 19.05
CA MET B 481 -16.17 -29.60 17.75
C MET B 481 -16.90 -28.91 16.60
N VAL B 482 -16.14 -28.17 15.79
CA VAL B 482 -16.62 -27.22 14.74
C VAL B 482 -17.08 -27.95 13.48
N ASP B 483 -18.19 -27.51 12.91
CA ASP B 483 -18.71 -27.98 11.59
C ASP B 483 -18.38 -26.90 10.55
N ILE B 484 -17.51 -27.21 9.61
CA ILE B 484 -16.91 -26.17 8.71
C ILE B 484 -17.91 -25.74 7.63
N ASN B 485 -19.09 -26.37 7.47
CA ASN B 485 -20.10 -25.88 6.48
C ASN B 485 -21.28 -25.22 7.20
N SER B 486 -21.11 -24.93 8.49
CA SER B 486 -22.10 -24.21 9.32
C SER B 486 -21.60 -22.80 9.63
N PRO B 487 -22.23 -21.73 9.16
CA PRO B 487 -21.90 -20.38 9.59
C PRO B 487 -22.07 -20.20 11.10
N GLU B 488 -23.07 -20.84 11.68
CA GLU B 488 -23.34 -20.73 13.16
C GLU B 488 -22.17 -21.37 13.89
N SER B 489 -21.64 -22.47 13.35
CA SER B 489 -20.54 -23.22 13.99
C SER B 489 -19.23 -22.43 13.83
N LEU B 490 -18.97 -21.83 12.68
CA LEU B 490 -17.74 -21.04 12.56
C LEU B 490 -17.82 -19.78 13.44
N THR B 491 -18.98 -19.13 13.54
CA THR B 491 -19.22 -17.98 14.45
C THR B 491 -18.73 -18.35 15.87
N GLU B 492 -19.11 -19.55 16.34
CA GLU B 492 -18.73 -20.11 17.67
C GLU B 492 -17.21 -20.32 17.76
N ALA B 493 -16.59 -20.90 16.73
CA ALA B 493 -15.11 -20.97 16.68
C ALA B 493 -14.51 -19.56 16.90
N TYR B 494 -14.95 -18.56 16.14
CA TYR B 494 -14.42 -17.17 16.24
C TYR B 494 -14.64 -16.59 17.65
N LYS B 495 -15.74 -16.97 18.30
CA LYS B 495 -16.11 -16.56 19.67
C LYS B 495 -15.04 -17.06 20.64
N LEU B 496 -14.71 -18.33 20.51
CA LEU B 496 -13.70 -19.00 21.39
C LEU B 496 -12.29 -18.43 21.17
N ARG B 497 -11.92 -18.18 19.91
CA ARG B 497 -10.66 -17.43 19.61
C ARG B 497 -10.63 -16.10 20.41
N ALA B 498 -11.66 -15.26 20.28
CA ALA B 498 -11.76 -13.94 20.95
C ALA B 498 -11.65 -14.09 22.47
N ALA B 499 -12.42 -15.01 23.07
CA ALA B 499 -12.40 -15.22 24.54
C ALA B 499 -10.98 -15.58 24.99
N ARG B 500 -10.34 -16.50 24.27
CA ARG B 500 -8.94 -16.87 24.57
C ARG B 500 -8.05 -15.62 24.50
N LEU B 501 -8.14 -14.83 23.43
CA LEU B 501 -7.17 -13.70 23.30
C LEU B 501 -7.52 -12.61 24.32
N VAL B 502 -8.79 -12.41 24.64
CA VAL B 502 -9.23 -11.42 25.65
C VAL B 502 -8.76 -11.88 27.03
N GLU B 503 -8.86 -13.15 27.36
CA GLU B 503 -8.32 -13.68 28.64
C GLU B 503 -6.79 -13.55 28.68
N ILE B 504 -6.08 -13.92 27.61
CA ILE B 504 -4.59 -13.71 27.61
C ILE B 504 -4.28 -12.22 27.87
N ALA B 505 -4.99 -11.30 27.22
CA ALA B 505 -4.69 -9.85 27.37
C ALA B 505 -4.91 -9.42 28.83
N ALA B 506 -6.02 -9.88 29.43
CA ALA B 506 -6.42 -9.56 30.83
C ALA B 506 -5.34 -10.08 31.78
N LYS B 507 -4.90 -11.34 31.62
CA LYS B 507 -3.97 -12.03 32.56
C LYS B 507 -2.56 -11.41 32.43
N ASN B 508 -2.10 -11.25 31.20
CA ASN B 508 -0.83 -10.56 30.92
C ASN B 508 -0.88 -9.19 31.55
N LEU B 509 -1.97 -8.41 31.32
CA LEU B 509 -2.18 -7.07 31.93
C LEU B 509 -2.08 -7.18 33.47
N GLN B 510 -2.81 -8.11 34.11
CA GLN B 510 -2.80 -8.38 35.59
C GLN B 510 -1.38 -8.60 36.12
N LYS B 511 -0.57 -9.43 35.44
CA LYS B 511 0.87 -9.63 35.81
C LYS B 511 1.70 -8.34 35.70
N GLU B 512 1.50 -7.55 34.65
CA GLU B 512 2.24 -6.28 34.50
C GLU B 512 1.81 -5.28 35.60
N VAL B 513 0.52 -5.16 35.92
CA VAL B 513 -0.05 -4.25 36.95
C VAL B 513 0.66 -4.60 38.26
N ILE B 514 0.84 -5.88 38.53
CA ILE B 514 1.50 -6.39 39.78
C ILE B 514 3.00 -6.13 39.78
N HIS B 515 3.64 -5.98 38.61
CA HIS B 515 5.13 -5.93 38.46
C HIS B 515 5.67 -4.53 38.16
N ARG B 516 4.92 -3.66 37.47
CA ARG B 516 5.48 -2.38 36.93
C ARG B 516 5.21 -1.18 37.84
N LYS B 517 5.90 -0.08 37.60
CA LYS B 517 5.89 1.06 38.56
C LYS B 517 4.56 1.85 38.48
N SER B 518 3.82 1.69 37.38
CA SER B 518 2.52 2.37 37.14
C SER B 518 1.57 1.43 36.40
N LYS B 519 0.27 1.63 36.58
CA LYS B 519 -0.70 0.81 35.84
C LYS B 519 -0.55 1.17 34.35
N GLU B 520 -0.23 2.43 34.06
CA GLU B 520 -0.10 2.94 32.68
C GLU B 520 1.11 2.26 32.03
N VAL B 521 2.20 1.97 32.75
CA VAL B 521 3.35 1.22 32.15
C VAL B 521 2.84 -0.19 31.89
N ALA B 522 2.06 -0.73 32.80
CA ALA B 522 1.59 -2.11 32.65
C ALA B 522 0.75 -2.21 31.35
N TRP B 523 -0.19 -1.28 31.17
CA TRP B 523 -1.03 -1.10 29.96
C TRP B 523 -0.13 -1.01 28.73
N ASN B 524 0.82 -0.07 28.72
CA ASN B 524 1.70 0.07 27.55
C ASN B 524 2.37 -1.30 27.27
N LEU B 525 2.88 -2.00 28.30
CA LEU B 525 3.66 -3.24 28.05
C LEU B 525 2.72 -4.43 27.77
N THR B 526 1.41 -4.23 27.79
CA THR B 526 0.47 -5.31 27.35
C THR B 526 -0.21 -4.87 26.02
N SER B 527 0.24 -3.78 25.39
CA SER B 527 -0.62 -3.04 24.42
C SER B 527 -0.68 -3.87 23.12
N VAL B 528 0.38 -4.58 22.75
CA VAL B 528 0.31 -5.45 21.54
C VAL B 528 -0.78 -6.52 21.79
N ASP B 529 -0.79 -7.19 22.96
CA ASP B 529 -1.81 -8.25 23.29
C ASP B 529 -3.22 -7.66 23.37
N LEU B 530 -3.34 -6.42 23.82
CA LEU B 530 -4.67 -5.75 23.93
C LEU B 530 -5.24 -5.46 22.54
N VAL B 531 -4.38 -5.00 21.61
CA VAL B 531 -4.75 -4.81 20.18
C VAL B 531 -5.12 -6.17 19.55
N ARG B 532 -4.35 -7.24 19.79
CA ARG B 532 -4.71 -8.58 19.25
C ARG B 532 -6.08 -8.95 19.78
N ALA B 533 -6.38 -8.68 21.02
CA ALA B 533 -7.71 -9.04 21.58
C ALA B 533 -8.78 -8.23 20.84
N SER B 534 -8.58 -6.93 20.70
CA SER B 534 -9.61 -6.08 20.04
C SER B 534 -9.80 -6.60 18.63
N GLU B 535 -8.72 -7.01 17.97
CA GLU B 535 -8.78 -7.48 16.56
C GLU B 535 -9.64 -8.72 16.47
N ALA B 536 -9.31 -9.71 17.29
CA ALA B 536 -10.04 -11.01 17.30
C ALA B 536 -11.52 -10.74 17.67
N HIS B 537 -11.80 -9.84 18.63
CA HIS B 537 -13.18 -9.45 18.98
C HIS B 537 -13.90 -8.98 17.71
N CYS B 538 -13.31 -8.00 17.01
CA CYS B 538 -13.88 -7.39 15.77
C CYS B 538 -14.10 -8.48 14.70
N HIS B 539 -13.15 -9.40 14.53
CA HIS B 539 -13.24 -10.41 13.44
C HIS B 539 -14.43 -11.32 13.76
N TYR B 540 -14.58 -11.71 15.01
CA TYR B 540 -15.77 -12.49 15.47
C TYR B 540 -17.06 -11.71 15.16
N VAL B 541 -17.12 -10.44 15.47
CA VAL B 541 -18.35 -9.64 15.21
C VAL B 541 -18.70 -9.67 13.73
N VAL B 542 -17.68 -9.52 12.86
CA VAL B 542 -17.92 -9.54 11.40
C VAL B 542 -18.45 -10.94 11.01
N VAL B 543 -17.85 -12.03 11.49
CA VAL B 543 -18.33 -13.39 11.12
C VAL B 543 -19.80 -13.52 11.58
N LYS B 544 -20.08 -13.14 12.81
CA LYS B 544 -21.42 -13.29 13.44
C LYS B 544 -22.44 -12.51 12.60
N LEU B 545 -22.15 -11.24 12.27
CA LEU B 545 -23.11 -10.36 11.55
C LEU B 545 -23.39 -10.90 10.15
N PHE B 546 -22.37 -11.36 9.41
CA PHE B 546 -22.49 -11.97 8.04
C PHE B 546 -23.28 -13.28 8.14
N SER B 547 -22.93 -14.14 9.08
CA SER B 547 -23.67 -15.39 9.37
C SER B 547 -25.18 -15.12 9.57
N GLU B 548 -25.53 -14.24 10.50
CA GLU B 548 -26.90 -13.77 10.78
C GLU B 548 -27.61 -13.19 9.56
N LYS B 549 -26.93 -12.41 8.72
CA LYS B 549 -27.61 -11.81 7.56
C LYS B 549 -28.16 -12.92 6.65
N LEU B 550 -27.48 -14.07 6.58
CA LEU B 550 -27.81 -15.15 5.62
C LEU B 550 -29.26 -15.62 5.87
N LEU B 551 -29.70 -15.69 7.12
CA LEU B 551 -31.02 -16.20 7.55
C LEU B 551 -32.15 -15.26 7.10
N LYS B 552 -31.85 -14.00 6.79
CA LYS B 552 -32.84 -12.97 6.37
C LYS B 552 -32.85 -12.85 4.83
N ILE B 553 -32.05 -13.62 4.09
CA ILE B 553 -32.09 -13.52 2.60
C ILE B 553 -33.28 -14.36 2.09
N GLN B 554 -34.23 -13.71 1.42
CA GLN B 554 -35.47 -14.36 0.93
C GLN B 554 -35.18 -15.20 -0.31
N ASP B 555 -34.45 -14.64 -1.28
CA ASP B 555 -34.11 -15.36 -2.56
C ASP B 555 -33.15 -16.49 -2.25
N LYS B 556 -33.44 -17.70 -2.68
CA LYS B 556 -32.64 -18.87 -2.23
C LYS B 556 -31.35 -18.97 -3.02
N ALA B 557 -31.33 -18.51 -4.26
CA ALA B 557 -30.09 -18.53 -5.06
C ALA B 557 -29.09 -17.52 -4.47
N ILE B 558 -29.55 -16.33 -4.08
CA ILE B 558 -28.67 -15.28 -3.51
C ILE B 558 -28.23 -15.75 -2.13
N GLN B 559 -29.15 -16.36 -1.37
CA GLN B 559 -28.79 -16.86 -0.02
C GLN B 559 -27.69 -17.88 -0.20
N ALA B 560 -27.81 -18.75 -1.20
CA ALA B 560 -26.81 -19.81 -1.47
C ALA B 560 -25.43 -19.17 -1.74
N VAL B 561 -25.33 -18.16 -2.62
CA VAL B 561 -24.00 -17.66 -3.04
C VAL B 561 -23.42 -16.80 -1.89
N LEU B 562 -24.25 -16.07 -1.15
CA LEU B 562 -23.78 -15.29 0.01
C LEU B 562 -23.27 -16.26 1.07
N ARG B 563 -23.88 -17.43 1.18
CA ARG B 563 -23.45 -18.42 2.18
C ARG B 563 -22.06 -18.89 1.74
N SER B 564 -21.83 -19.09 0.46
CA SER B 564 -20.50 -19.52 -0.03
C SER B 564 -19.47 -18.43 0.29
N LEU B 565 -19.82 -17.14 0.18
CA LEU B 565 -18.94 -16.01 0.57
C LEU B 565 -18.72 -16.01 2.08
N CYS B 566 -19.78 -16.24 2.88
CA CYS B 566 -19.67 -16.18 4.35
C CYS B 566 -18.75 -17.30 4.82
N LEU B 567 -18.90 -18.48 4.25
CA LEU B 567 -18.05 -19.65 4.55
C LEU B 567 -16.63 -19.35 4.08
N LEU B 568 -16.46 -18.82 2.88
CA LEU B 568 -15.08 -18.55 2.42
C LEU B 568 -14.43 -17.51 3.36
N TYR B 569 -15.10 -16.42 3.71
CA TYR B 569 -14.55 -15.39 4.65
C TYR B 569 -14.07 -16.04 5.95
N SER B 570 -14.91 -16.91 6.53
CA SER B 570 -14.73 -17.48 7.88
C SER B 570 -13.56 -18.45 7.78
N LEU B 571 -13.58 -19.29 6.75
CA LEU B 571 -12.60 -20.41 6.59
C LEU B 571 -11.24 -19.81 6.24
N TYR B 572 -11.19 -18.82 5.34
CA TYR B 572 -9.96 -18.07 5.02
C TYR B 572 -9.33 -17.46 6.29
N GLY B 573 -10.18 -16.90 7.16
CA GLY B 573 -9.70 -16.27 8.40
C GLY B 573 -9.11 -17.28 9.34
N ILE B 574 -9.68 -18.48 9.41
CA ILE B 574 -9.13 -19.61 10.22
C ILE B 574 -7.79 -20.06 9.61
N SER B 575 -7.74 -20.27 8.30
CA SER B 575 -6.54 -20.65 7.55
C SER B 575 -5.41 -19.65 7.83
N GLN B 576 -5.74 -18.38 7.88
CA GLN B 576 -4.75 -17.26 7.95
C GLN B 576 -4.37 -17.01 9.40
N ASN B 577 -5.15 -17.54 10.37
CA ASN B 577 -4.88 -17.36 11.82
C ASN B 577 -4.86 -18.75 12.52
N ALA B 578 -4.30 -19.78 11.88
CA ALA B 578 -4.49 -21.19 12.34
C ALA B 578 -4.06 -21.31 13.82
N GLY B 579 -2.92 -20.72 14.20
CA GLY B 579 -2.36 -20.78 15.56
C GLY B 579 -3.37 -20.34 16.60
N ASP B 580 -4.25 -19.37 16.29
CA ASP B 580 -5.22 -18.83 17.26
C ASP B 580 -6.37 -19.83 17.51
N PHE B 581 -6.52 -20.81 16.60
CA PHE B 581 -7.55 -21.87 16.69
C PHE B 581 -6.95 -23.16 17.23
N LEU B 582 -5.68 -23.42 16.92
CA LEU B 582 -4.87 -24.57 17.42
C LEU B 582 -4.58 -24.46 18.91
N GLN B 583 -4.08 -23.31 19.38
CA GLN B 583 -3.89 -23.05 20.85
C GLN B 583 -5.26 -22.92 21.54
N GLY B 584 -5.41 -23.45 22.75
CA GLY B 584 -6.72 -23.54 23.44
C GLY B 584 -7.56 -24.71 22.93
N SER B 585 -7.07 -25.47 21.93
CA SER B 585 -7.75 -26.64 21.29
C SER B 585 -9.18 -26.26 20.86
N ILE B 586 -9.35 -25.09 20.25
CA ILE B 586 -10.66 -24.72 19.63
C ILE B 586 -10.84 -25.61 18.39
N MET B 587 -9.75 -25.94 17.70
CA MET B 587 -9.73 -26.78 16.47
C MET B 587 -8.42 -27.59 16.46
N THR B 588 -8.44 -28.80 15.91
CA THR B 588 -7.27 -29.72 15.84
C THR B 588 -6.57 -29.52 14.50
N GLU B 589 -5.38 -30.09 14.36
CA GLU B 589 -4.57 -30.01 13.14
C GLU B 589 -5.36 -30.63 11.97
N PRO B 590 -5.87 -31.87 12.11
CA PRO B 590 -6.75 -32.41 11.08
C PRO B 590 -7.84 -31.41 10.66
N GLN B 591 -8.46 -30.67 11.59
CA GLN B 591 -9.58 -29.79 11.18
C GLN B 591 -9.02 -28.63 10.36
N ILE B 592 -7.85 -28.09 10.73
CA ILE B 592 -7.17 -27.04 9.95
C ILE B 592 -6.86 -27.61 8.54
N THR B 593 -6.47 -28.88 8.42
CA THR B 593 -6.25 -29.50 7.09
C THR B 593 -7.54 -29.38 6.26
N GLN B 594 -8.67 -29.72 6.88
CA GLN B 594 -9.99 -29.77 6.23
C GLN B 594 -10.44 -28.34 5.91
N VAL B 595 -10.16 -27.40 6.83
CA VAL B 595 -10.43 -25.94 6.59
C VAL B 595 -9.69 -25.57 5.30
N ASN B 596 -8.44 -25.93 5.15
CA ASN B 596 -7.63 -25.53 3.97
C ASN B 596 -8.15 -26.22 2.70
N GLN B 597 -8.65 -27.46 2.82
CA GLN B 597 -9.24 -28.18 1.66
C GLN B 597 -10.51 -27.42 1.23
N ARG B 598 -11.36 -27.07 2.20
CA ARG B 598 -12.67 -26.45 1.90
C ARG B 598 -12.46 -25.06 1.26
N VAL B 599 -11.45 -24.28 1.72
CA VAL B 599 -11.12 -22.96 1.12
C VAL B 599 -10.86 -23.17 -0.38
N LYS B 600 -10.08 -24.16 -0.76
CA LYS B 600 -9.76 -24.39 -2.20
C LYS B 600 -11.02 -24.75 -3.00
N GLU B 601 -11.87 -25.63 -2.48
CA GLU B 601 -13.19 -25.94 -3.08
C GLU B 601 -14.03 -24.66 -3.16
N LEU B 602 -14.10 -23.82 -2.12
CA LEU B 602 -15.00 -22.64 -2.21
C LEU B 602 -14.46 -21.76 -3.36
N LEU B 603 -13.16 -21.78 -3.63
CA LEU B 603 -12.66 -20.89 -4.70
C LEU B 603 -13.36 -21.34 -5.98
N THR B 604 -13.42 -22.65 -6.17
CA THR B 604 -13.97 -23.26 -7.41
C THR B 604 -15.46 -22.94 -7.41
N LEU B 605 -16.16 -23.06 -6.28
CA LEU B 605 -17.61 -22.72 -6.27
C LEU B 605 -17.78 -21.27 -6.74
N ILE B 606 -16.90 -20.36 -6.37
CA ILE B 606 -17.23 -18.92 -6.46
C ILE B 606 -16.91 -18.45 -7.86
N ARG B 607 -16.01 -19.16 -8.55
CA ARG B 607 -15.44 -18.75 -9.87
C ARG B 607 -16.54 -18.29 -10.85
N SER B 608 -17.58 -19.11 -11.05
CA SER B 608 -18.64 -18.90 -12.09
C SER B 608 -19.59 -17.77 -11.63
N ASP B 609 -19.57 -17.36 -10.39
CA ASP B 609 -20.41 -16.26 -9.85
C ASP B 609 -19.65 -14.93 -9.59
N ALA B 610 -18.34 -14.92 -9.71
CA ALA B 610 -17.51 -13.77 -9.34
C ALA B 610 -17.92 -12.53 -10.12
N VAL B 611 -18.16 -12.63 -11.41
CA VAL B 611 -18.41 -11.39 -12.19
C VAL B 611 -19.76 -10.83 -11.78
N ALA B 612 -20.75 -11.69 -11.64
CA ALA B 612 -22.11 -11.22 -11.33
C ALA B 612 -22.07 -10.60 -9.92
N LEU B 613 -21.29 -11.20 -9.02
CA LEU B 613 -21.17 -10.75 -7.62
C LEU B 613 -20.58 -9.32 -7.55
N VAL B 614 -19.66 -8.97 -8.43
CA VAL B 614 -19.13 -7.58 -8.45
C VAL B 614 -20.11 -6.69 -9.22
N ASP B 615 -20.72 -7.20 -10.28
CA ASP B 615 -21.80 -6.52 -11.05
C ASP B 615 -22.89 -6.08 -10.07
N ALA B 616 -23.23 -6.90 -9.07
CA ALA B 616 -24.26 -6.53 -8.09
C ALA B 616 -23.91 -5.26 -7.29
N PHE B 617 -22.64 -4.86 -7.16
CA PHE B 617 -22.32 -3.65 -6.39
C PHE B 617 -22.91 -2.43 -7.10
N ASP B 618 -23.05 -2.56 -8.43
CA ASP B 618 -23.81 -1.63 -9.29
C ASP B 618 -23.00 -0.32 -9.50
N PHE B 619 -21.66 -0.39 -9.55
CA PHE B 619 -20.81 0.80 -9.78
C PHE B 619 -20.85 1.09 -11.27
N GLN B 620 -21.19 2.33 -11.64
CA GLN B 620 -21.11 2.81 -13.04
C GLN B 620 -19.62 3.04 -13.36
N ASP B 621 -19.27 2.90 -14.63
CA ASP B 621 -17.90 3.04 -15.16
C ASP B 621 -17.31 4.35 -14.67
N VAL B 622 -18.07 5.42 -14.61
CA VAL B 622 -17.51 6.74 -14.24
C VAL B 622 -17.14 6.71 -12.74
N THR B 623 -17.79 5.88 -11.93
CA THR B 623 -17.50 5.74 -10.49
C THR B 623 -16.24 4.88 -10.31
N LEU B 624 -16.01 3.88 -11.15
CA LEU B 624 -14.78 3.08 -11.02
C LEU B 624 -13.56 3.88 -11.55
N GLY B 625 -13.73 4.70 -12.58
CA GLY B 625 -12.61 5.47 -13.17
C GLY B 625 -11.58 4.56 -13.83
N SER B 626 -12.02 3.43 -14.40
CA SER B 626 -11.15 2.25 -14.68
C SER B 626 -11.33 1.70 -16.10
N VAL B 627 -10.28 1.70 -16.91
CA VAL B 627 -10.30 1.09 -18.25
C VAL B 627 -10.34 -0.42 -18.02
N LEU B 628 -9.51 -0.94 -17.13
CA LEU B 628 -9.46 -2.41 -16.88
C LEU B 628 -10.82 -2.92 -16.41
N GLY B 629 -11.57 -2.14 -15.62
CA GLY B 629 -12.79 -2.65 -14.96
C GLY B 629 -14.10 -2.21 -15.58
N ARG B 630 -14.07 -1.63 -16.78
CA ARG B 630 -15.32 -1.30 -17.57
C ARG B 630 -16.32 -2.44 -17.50
N TYR B 631 -17.59 -2.11 -17.31
CA TYR B 631 -18.73 -3.06 -17.40
C TYR B 631 -18.62 -3.92 -18.68
N ASP B 632 -18.37 -3.32 -19.85
CA ASP B 632 -18.39 -4.04 -21.16
C ASP B 632 -17.16 -4.94 -21.37
N GLY B 633 -16.09 -4.80 -20.61
CA GLY B 633 -14.90 -5.66 -20.79
C GLY B 633 -14.09 -5.29 -22.03
N ASN B 634 -14.35 -4.14 -22.65
CA ASN B 634 -13.57 -3.71 -23.83
C ASN B 634 -12.42 -2.87 -23.32
N VAL B 635 -11.32 -3.52 -22.97
CA VAL B 635 -10.21 -2.88 -22.21
C VAL B 635 -9.23 -2.35 -23.23
N TYR B 636 -8.80 -3.20 -24.15
CA TYR B 636 -7.58 -2.94 -24.95
C TYR B 636 -7.78 -1.75 -25.90
N GLU B 637 -8.90 -1.65 -26.59
CA GLU B 637 -9.11 -0.53 -27.55
C GLU B 637 -9.11 0.76 -26.73
N ASN B 638 -9.75 0.72 -25.55
CA ASN B 638 -9.94 1.91 -24.68
C ASN B 638 -8.63 2.31 -23.98
N LEU B 639 -7.79 1.35 -23.61
CA LEU B 639 -6.45 1.62 -23.03
C LEU B 639 -5.59 2.40 -24.03
N PHE B 640 -5.53 1.93 -25.27
CA PHE B 640 -4.73 2.58 -26.34
C PHE B 640 -5.26 4.01 -26.56
N GLU B 641 -6.59 4.24 -26.62
CA GLU B 641 -7.18 5.60 -26.67
C GLU B 641 -6.68 6.41 -25.46
N TRP B 642 -6.96 5.94 -24.25
CA TRP B 642 -6.61 6.66 -23.01
C TRP B 642 -5.15 7.10 -23.09
N ALA B 643 -4.26 6.18 -23.43
CA ALA B 643 -2.78 6.42 -23.45
C ALA B 643 -2.43 7.49 -24.48
N LYS B 644 -2.97 7.41 -25.71
CA LYS B 644 -2.71 8.38 -26.82
C LYS B 644 -3.15 9.80 -26.42
N ASN B 645 -4.26 9.93 -25.69
CA ASN B 645 -4.87 11.22 -25.29
C ASN B 645 -4.15 11.82 -24.09
N SER B 646 -3.30 11.03 -23.41
CA SER B 646 -2.60 11.43 -22.17
C SER B 646 -1.52 12.49 -22.50
N PRO B 647 -1.14 13.30 -21.48
CA PRO B 647 -0.45 14.58 -21.68
C PRO B 647 0.94 14.62 -22.32
N LEU B 648 1.80 13.62 -22.09
CA LEU B 648 3.19 13.67 -22.62
C LEU B 648 3.12 13.44 -24.14
N ASN B 649 1.95 13.05 -24.67
CA ASN B 649 1.76 12.86 -26.13
C ASN B 649 1.10 14.11 -26.75
N LYS B 650 1.14 15.30 -26.11
CA LYS B 650 0.80 16.59 -26.80
C LYS B 650 2.08 17.27 -27.29
#